data_4OCF
#
_entry.id   4OCF
#
_cell.length_a   37.990
_cell.length_b   80.210
_cell.length_c   114.450
_cell.angle_alpha   90.00
_cell.angle_beta   91.06
_cell.angle_gamma   90.00
#
_symmetry.space_group_name_H-M   'P 1 21 1'
#
loop_
_entity.id
_entity.type
_entity.pdbx_description
1 polymer 'Thiol:disulfide interchange protein'
2 non-polymer 'THIOCYANATE ION'
3 water water
#
_entity_poly.entity_id   1
_entity_poly.type   'polypeptide(L)'
_entity_poly.pdbx_seq_one_letter_code
;SNADISEGKQYTNLSKPVAGAPQVVEFFSFYSPHCYQFSEVYKVNSTVEKNVPENTKMARYHVDFLGPLGKEMTRAWAVA
IALGVEDQVSPALFKGIQETQSIRSVDDIRTTFINAGVKAEDYDAAINSFVVNSLVSQQQNAVTDFQINGVPAMVIDGKY
KMKNDGISAKSPEEYAKAYSDVVNQLLMKK
;
_entity_poly.pdbx_strand_id   A,B,C,D
#
loop_
_chem_comp.id
_chem_comp.type
_chem_comp.name
_chem_comp.formula
SCN non-polymer 'THIOCYANATE ION' 'C N S -1'
#
# COMPACT_ATOMS: atom_id res chain seq x y z
N ALA A 3 8.62 23.62 -5.84
CA ALA A 3 7.79 22.55 -5.21
C ALA A 3 8.68 21.53 -4.46
N ASP A 4 9.99 21.73 -4.47
CA ASP A 4 10.90 20.75 -3.91
C ASP A 4 11.29 21.12 -2.47
N ILE A 5 10.94 20.23 -1.54
CA ILE A 5 11.08 20.53 -0.11
C ILE A 5 12.52 20.47 0.34
N SER A 6 12.79 21.06 1.51
CA SER A 6 14.16 21.16 2.05
C SER A 6 14.16 20.85 3.52
N GLU A 7 15.11 20.03 3.97
CA GLU A 7 15.31 19.77 5.39
C GLU A 7 15.56 21.12 6.06
N GLY A 8 14.91 21.31 7.19
CA GLY A 8 15.05 22.54 7.95
C GLY A 8 14.04 23.58 7.54
N LYS A 9 13.41 23.40 6.39
CA LYS A 9 12.40 24.37 5.98
C LYS A 9 11.00 23.88 6.34
N GLN A 10 10.48 22.92 5.57
CA GLN A 10 9.13 22.39 5.81
C GLN A 10 9.08 21.25 6.84
N TYR A 11 10.25 20.71 7.20
CA TYR A 11 10.33 19.50 8.02
C TYR A 11 11.76 19.37 8.52
N THR A 12 11.98 18.48 9.48
CA THR A 12 13.31 18.22 9.99
C THR A 12 13.49 16.71 10.12
N ASN A 13 14.74 16.28 10.09
CA ASN A 13 15.07 14.88 10.31
C ASN A 13 15.04 14.53 11.79
N LEU A 14 14.34 13.47 12.17
CA LEU A 14 14.49 12.95 13.53
C LEU A 14 15.95 12.58 13.72
N SER A 15 16.50 12.93 14.88
CA SER A 15 17.87 12.58 15.21
C SER A 15 18.06 11.06 15.31
N LYS A 16 17.07 10.39 15.90
CA LYS A 16 17.05 8.95 16.05
C LYS A 16 15.80 8.45 15.36
N PRO A 17 15.96 7.90 14.15
CA PRO A 17 14.81 7.40 13.38
C PRO A 17 14.15 6.21 14.07
N VAL A 18 12.84 6.05 13.84
CA VAL A 18 12.05 5.00 14.46
C VAL A 18 11.73 3.93 13.42
N ALA A 19 12.16 2.72 13.72
CA ALA A 19 11.97 1.62 12.81
C ALA A 19 10.61 0.97 13.07
N GLY A 20 9.97 0.51 11.99
CA GLY A 20 8.73 -0.24 12.08
C GLY A 20 7.55 0.65 12.41
N ALA A 21 7.74 1.95 12.21
CA ALA A 21 6.75 2.95 12.54
C ALA A 21 5.65 3.02 11.49
N PRO A 22 4.45 3.41 11.90
CA PRO A 22 3.46 3.70 10.85
C PRO A 22 4.03 4.77 9.90
N GLN A 23 3.57 4.81 8.66
CA GLN A 23 4.06 5.81 7.70
C GLN A 23 3.71 7.25 8.05
N VAL A 24 2.52 7.47 8.58
CA VAL A 24 2.15 8.78 9.12
C VAL A 24 1.59 8.65 10.53
N VAL A 25 2.25 9.30 11.47
CA VAL A 25 1.82 9.29 12.84
C VAL A 25 1.54 10.73 13.24
N GLU A 26 0.28 10.98 13.59
CA GLU A 26 -0.14 12.26 14.15
C GLU A 26 -0.08 12.27 15.70
N PHE A 27 0.49 13.32 16.27
CA PHE A 27 0.48 13.56 17.71
C PHE A 27 -0.33 14.81 18.05
N PHE A 28 -1.23 14.71 19.03
CA PHE A 28 -2.09 15.86 19.38
C PHE A 28 -2.44 15.85 20.83
N SER A 29 -3.01 16.97 21.30
CA SER A 29 -3.59 17.04 22.62
C SER A 29 -4.94 17.74 22.56
N PHE A 30 -5.94 17.18 23.22
CA PHE A 30 -7.24 17.83 23.36
C PHE A 30 -7.14 19.19 24.07
N TYR A 31 -6.01 19.44 24.73
CA TYR A 31 -5.79 20.68 25.46
C TYR A 31 -5.19 21.78 24.58
N SER A 32 -4.62 21.38 23.44
CA SER A 32 -3.89 22.31 22.57
C SER A 32 -4.77 23.13 21.62
N PRO A 33 -4.73 24.49 21.73
CA PRO A 33 -5.46 25.33 20.76
C PRO A 33 -5.11 25.01 19.30
N HIS A 34 -3.83 24.83 19.01
CA HIS A 34 -3.44 24.58 17.64
C HIS A 34 -3.97 23.24 17.15
N CYS A 35 -4.00 22.21 18.02
CA CYS A 35 -4.58 20.93 17.64
C CYS A 35 -6.05 21.08 17.35
N TYR A 36 -6.74 21.90 18.14
CA TYR A 36 -8.15 22.13 17.88
C TYR A 36 -8.31 22.72 16.48
N GLN A 37 -7.51 23.73 16.15
CA GLN A 37 -7.63 24.36 14.82
C GLN A 37 -7.33 23.39 13.69
N PHE A 38 -6.26 22.64 13.88
CA PHE A 38 -5.85 21.64 12.90
C PHE A 38 -6.92 20.62 12.61
N SER A 39 -7.56 20.15 13.69
CA SER A 39 -8.46 19.01 13.63
C SER A 39 -9.88 19.46 13.28
N GLU A 40 -10.30 20.54 13.92
CA GLU A 40 -11.71 20.88 13.93
C GLU A 40 -12.04 22.16 13.16
N VAL A 41 -11.09 23.07 13.04
CA VAL A 41 -11.40 24.33 12.36
C VAL A 41 -10.95 24.28 10.90
N TYR A 42 -9.68 24.03 10.69
CA TYR A 42 -9.11 24.10 9.36
C TYR A 42 -8.87 22.73 8.71
N LYS A 43 -9.07 21.64 9.45
CA LYS A 43 -9.16 20.31 8.86
C LYS A 43 -7.85 19.94 8.17
N VAL A 44 -6.75 20.36 8.74
CA VAL A 44 -5.47 20.06 8.16
C VAL A 44 -5.20 18.55 8.16
N ASN A 45 -5.38 17.88 9.29
CA ASN A 45 -5.04 16.46 9.29
C ASN A 45 -5.96 15.65 8.42
N SER A 46 -7.22 16.07 8.30
CA SER A 46 -8.13 15.35 7.46
C SER A 46 -7.77 15.54 5.97
N THR A 47 -7.27 16.73 5.59
CA THR A 47 -6.75 16.94 4.24
C THR A 47 -5.54 16.04 3.94
N VAL A 48 -4.63 15.93 4.89
CA VAL A 48 -3.50 15.01 4.76
C VAL A 48 -4.00 13.57 4.57
N GLU A 49 -4.87 13.13 5.47
CA GLU A 49 -5.40 11.77 5.46
C GLU A 49 -6.10 11.42 4.15
N LYS A 50 -6.81 12.38 3.60
CA LYS A 50 -7.60 12.14 2.40
C LYS A 50 -6.75 12.14 1.14
N ASN A 51 -5.54 12.66 1.21
CA ASN A 51 -4.70 12.80 0.03
C ASN A 51 -3.34 12.05 0.00
N VAL A 52 -3.06 11.23 1.01
CA VAL A 52 -1.88 10.38 0.98
C VAL A 52 -2.14 9.29 -0.06
N PRO A 53 -1.10 8.55 -0.44
CA PRO A 53 -1.31 7.43 -1.37
C PRO A 53 -2.24 6.39 -0.78
N GLU A 54 -2.97 5.69 -1.64
CA GLU A 54 -3.72 4.54 -1.20
C GLU A 54 -2.83 3.58 -0.40
N ASN A 55 -3.38 3.05 0.69
CA ASN A 55 -2.70 2.07 1.53
C ASN A 55 -1.65 2.63 2.50
N THR A 56 -1.52 3.95 2.57
CA THR A 56 -0.55 4.50 3.51
C THR A 56 -0.98 4.13 4.93
N LYS A 57 -0.05 3.63 5.75
CA LYS A 57 -0.38 3.21 7.12
C LYS A 57 -0.34 4.40 8.06
N MET A 58 -1.45 4.71 8.71
CA MET A 58 -1.53 5.94 9.49
C MET A 58 -1.91 5.65 10.96
N ALA A 59 -1.64 6.61 11.83
CA ALA A 59 -1.92 6.45 13.25
C ALA A 59 -2.09 7.83 13.87
N ARG A 60 -2.91 7.91 14.91
CA ARG A 60 -3.15 9.18 15.61
C ARG A 60 -3.12 8.91 17.09
N TYR A 61 -2.17 9.56 17.75
CA TYR A 61 -1.88 9.38 19.16
C TYR A 61 -2.05 10.68 19.97
N HIS A 62 -2.47 10.53 21.21
CA HIS A 62 -2.67 11.65 22.13
C HIS A 62 -1.46 11.65 23.06
N VAL A 63 -1.09 12.84 23.55
CA VAL A 63 0.11 13.01 24.34
C VAL A 63 -0.27 13.43 25.76
N ASP A 64 0.58 13.05 26.70
CA ASP A 64 0.30 13.19 28.12
C ASP A 64 0.72 14.56 28.66
N PHE A 65 1.63 15.24 27.97
CA PHE A 65 2.33 16.37 28.60
C PHE A 65 1.64 17.75 28.66
N LEU A 66 0.44 17.90 28.10
CA LEU A 66 -0.34 19.13 28.34
C LEU A 66 -1.60 18.82 29.17
N GLY A 67 -1.95 19.73 30.06
CA GLY A 67 -3.23 19.73 30.74
C GLY A 67 -3.26 18.95 32.06
N PRO A 68 -4.15 19.33 32.98
CA PRO A 68 -4.28 18.57 34.25
C PRO A 68 -4.63 17.10 34.07
N LEU A 69 -5.36 16.79 33.00
CA LEU A 69 -5.85 15.44 32.77
C LEU A 69 -5.19 14.86 31.52
N GLY A 70 -3.94 15.24 31.29
CA GLY A 70 -3.22 14.80 30.10
C GLY A 70 -3.21 13.28 29.94
N LYS A 71 -2.79 12.59 30.99
CA LYS A 71 -2.63 11.15 30.97
C LYS A 71 -4.00 10.47 30.83
N GLU A 72 -4.97 11.00 31.57
CA GLU A 72 -6.30 10.45 31.57
C GLU A 72 -6.96 10.63 30.21
N MET A 73 -6.65 11.71 29.51
CA MET A 73 -7.24 11.94 28.19
C MET A 73 -6.60 11.03 27.13
N THR A 74 -5.35 10.69 27.36
CA THR A 74 -4.67 9.70 26.52
C THR A 74 -5.35 8.34 26.64
N ARG A 75 -5.68 7.96 27.87
CA ARG A 75 -6.48 6.76 28.08
C ARG A 75 -7.87 6.85 27.42
N ALA A 76 -8.53 8.00 27.51
CA ALA A 76 -9.83 8.16 26.88
C ALA A 76 -9.70 8.04 25.35
N TRP A 77 -8.62 8.58 24.78
CA TRP A 77 -8.41 8.48 23.35
C TRP A 77 -8.22 7.00 22.93
N ALA A 78 -7.51 6.23 23.74
CA ALA A 78 -7.37 4.80 23.52
C ALA A 78 -8.73 4.10 23.52
N VAL A 79 -9.62 4.48 24.43
CA VAL A 79 -10.98 3.95 24.44
C VAL A 79 -11.74 4.35 23.18
N ALA A 80 -11.55 5.59 22.71
CA ALA A 80 -12.18 6.03 21.47
C ALA A 80 -11.71 5.20 20.29
N ILE A 81 -10.42 4.93 20.24
CA ILE A 81 -9.87 4.11 19.16
C ILE A 81 -10.41 2.66 19.29
N ALA A 82 -10.49 2.17 20.50
CA ALA A 82 -10.88 0.78 20.71
C ALA A 82 -12.34 0.56 20.35
N LEU A 83 -13.18 1.57 20.62
CA LEU A 83 -14.61 1.48 20.31
C LEU A 83 -14.95 2.03 18.91
N GLY A 84 -13.97 2.60 18.22
CA GLY A 84 -14.16 3.14 16.87
C GLY A 84 -15.07 4.36 16.86
N VAL A 85 -14.92 5.23 17.87
CA VAL A 85 -15.83 6.34 18.04
C VAL A 85 -15.06 7.68 18.00
N GLU A 86 -13.91 7.68 17.34
CA GLU A 86 -13.08 8.87 17.24
C GLU A 86 -13.84 10.05 16.68
N ASP A 87 -14.44 9.90 15.50
CA ASP A 87 -15.14 11.02 14.87
C ASP A 87 -16.34 11.39 15.73
N GLN A 88 -16.95 10.39 16.33
CA GLN A 88 -18.13 10.58 17.14
C GLN A 88 -17.88 11.49 18.35
N VAL A 89 -16.76 11.29 19.05
CA VAL A 89 -16.57 11.98 20.33
C VAL A 89 -15.60 13.15 20.28
N SER A 90 -14.74 13.21 19.27
CA SER A 90 -13.71 14.25 19.25
C SER A 90 -14.23 15.68 19.39
N PRO A 91 -15.28 16.05 18.64
CA PRO A 91 -15.77 17.42 18.82
C PRO A 91 -16.18 17.70 20.26
N ALA A 92 -16.92 16.78 20.88
CA ALA A 92 -17.37 16.99 22.25
C ALA A 92 -16.20 17.09 23.22
N LEU A 93 -15.14 16.33 22.98
CA LEU A 93 -13.99 16.38 23.89
C LEU A 93 -13.20 17.70 23.75
N PHE A 94 -12.90 18.10 22.52
CA PHE A 94 -12.31 19.41 22.30
C PHE A 94 -13.14 20.53 22.94
N LYS A 95 -14.45 20.51 22.69
CA LYS A 95 -15.36 21.51 23.20
C LYS A 95 -15.33 21.56 24.73
N GLY A 96 -15.43 20.39 25.35
CA GLY A 96 -15.46 20.29 26.80
C GLY A 96 -14.16 20.69 27.49
N ILE A 97 -13.03 20.40 26.86
CA ILE A 97 -11.74 20.73 27.42
C ILE A 97 -11.44 22.22 27.21
N GLN A 98 -11.69 22.73 26.01
CA GLN A 98 -11.21 24.07 25.62
C GLN A 98 -12.25 25.18 25.54
N GLU A 99 -13.51 24.86 25.30
CA GLU A 99 -14.50 25.89 25.01
C GLU A 99 -15.37 26.15 26.23
N THR A 100 -16.04 25.11 26.71
CA THR A 100 -16.87 25.20 27.89
C THR A 100 -16.08 24.90 29.16
N GLN A 101 -14.84 24.42 29.00
CA GLN A 101 -13.96 24.08 30.11
C GLN A 101 -14.71 23.33 31.21
N SER A 102 -15.52 22.37 30.80
CA SER A 102 -16.39 21.65 31.72
C SER A 102 -15.91 20.22 32.03
N ILE A 103 -14.85 19.80 31.35
CA ILE A 103 -14.26 18.49 31.63
C ILE A 103 -13.08 18.67 32.56
N ARG A 104 -13.26 18.27 33.82
CA ARG A 104 -12.30 18.57 34.88
C ARG A 104 -11.98 17.37 35.77
N SER A 105 -12.61 16.24 35.52
CA SER A 105 -12.28 15.01 36.23
C SER A 105 -12.43 13.82 35.30
N VAL A 106 -11.89 12.67 35.71
CA VAL A 106 -12.11 11.41 35.02
C VAL A 106 -13.60 11.16 34.84
N ASP A 107 -14.41 11.56 35.81
CA ASP A 107 -15.85 11.33 35.70
C ASP A 107 -16.45 12.18 34.56
N ASP A 108 -15.95 13.39 34.35
CA ASP A 108 -16.48 14.26 33.31
C ASP A 108 -16.13 13.69 31.93
N ILE A 109 -14.92 13.16 31.82
CA ILE A 109 -14.54 12.49 30.60
C ILE A 109 -15.54 11.39 30.25
N ARG A 110 -15.83 10.52 31.20
CA ARG A 110 -16.78 9.42 30.97
C ARG A 110 -18.14 9.99 30.54
N THR A 111 -18.59 11.02 31.24
CA THR A 111 -19.92 11.57 30.95
C THR A 111 -19.98 12.14 29.53
N THR A 112 -18.86 12.73 29.09
CA THR A 112 -18.76 13.30 27.76
C THR A 112 -18.96 12.21 26.70
N PHE A 113 -18.33 11.05 26.89
CA PHE A 113 -18.52 9.91 25.98
C PHE A 113 -19.98 9.47 25.96
N ILE A 114 -20.56 9.32 27.14
CA ILE A 114 -21.93 8.87 27.28
C ILE A 114 -22.91 9.84 26.66
N ASN A 115 -22.75 11.13 26.92
CA ASN A 115 -23.63 12.13 26.32
C ASN A 115 -23.51 12.18 24.80
N ALA A 116 -22.33 11.78 24.30
CA ALA A 116 -22.08 11.77 22.87
C ALA A 116 -22.54 10.47 22.24
N GLY A 117 -23.21 9.63 23.02
CA GLY A 117 -23.88 8.48 22.48
C GLY A 117 -23.11 7.17 22.62
N VAL A 118 -22.06 7.17 23.43
CA VAL A 118 -21.31 5.93 23.64
C VAL A 118 -21.93 5.20 24.82
N LYS A 119 -22.15 3.91 24.62
CA LYS A 119 -22.78 3.07 25.60
C LYS A 119 -21.89 2.97 26.82
N ALA A 120 -22.45 3.32 27.96
CA ALA A 120 -21.71 3.34 29.22
C ALA A 120 -21.04 2.01 29.52
N GLU A 121 -21.75 0.92 29.28
CA GLU A 121 -21.25 -0.42 29.55
C GLU A 121 -19.99 -0.68 28.69
N ASP A 122 -20.00 -0.20 27.46
CA ASP A 122 -18.87 -0.42 26.54
C ASP A 122 -17.64 0.39 26.96
N TYR A 123 -17.85 1.66 27.31
CA TYR A 123 -16.79 2.53 27.82
C TYR A 123 -16.12 1.96 29.06
N ASP A 124 -16.95 1.55 30.02
CA ASP A 124 -16.47 1.03 31.30
C ASP A 124 -15.68 -0.27 31.17
N ALA A 125 -16.12 -1.15 30.28
CA ALA A 125 -15.34 -2.35 30.00
C ALA A 125 -14.04 -2.00 29.27
N ALA A 126 -14.14 -1.17 28.24
CA ALA A 126 -12.98 -0.86 27.40
C ALA A 126 -11.84 -0.27 28.20
N ILE A 127 -12.19 0.61 29.13
CA ILE A 127 -11.19 1.42 29.81
C ILE A 127 -10.19 0.59 30.64
N ASN A 128 -10.56 -0.63 31.00
CA ASN A 128 -9.67 -1.50 31.72
C ASN A 128 -9.23 -2.71 30.87
N SER A 129 -9.45 -2.69 29.56
CA SER A 129 -9.14 -3.85 28.72
C SER A 129 -7.65 -3.94 28.39
N PHE A 130 -7.14 -5.14 28.12
CA PHE A 130 -5.79 -5.26 27.59
C PHE A 130 -5.62 -4.38 26.35
N VAL A 131 -6.64 -4.30 25.49
CA VAL A 131 -6.49 -3.61 24.22
C VAL A 131 -6.16 -2.16 24.55
N VAL A 132 -6.91 -1.58 25.48
CA VAL A 132 -6.70 -0.20 25.82
C VAL A 132 -5.39 0.03 26.59
N ASN A 133 -5.04 -0.92 27.44
CA ASN A 133 -3.79 -0.86 28.17
C ASN A 133 -2.66 -0.73 27.19
N SER A 134 -2.69 -1.57 26.15
CA SER A 134 -1.61 -1.52 25.17
C SER A 134 -1.65 -0.29 24.26
N LEU A 135 -2.83 0.19 23.93
CA LEU A 135 -2.90 1.43 23.15
C LEU A 135 -2.35 2.59 23.98
N VAL A 136 -2.50 2.52 25.30
CA VAL A 136 -1.94 3.59 26.12
C VAL A 136 -0.41 3.61 26.09
N SER A 137 0.19 2.45 26.27
CA SER A 137 1.65 2.33 26.29
C SER A 137 2.20 2.61 24.88
N GLN A 138 1.43 2.20 23.87
CA GLN A 138 1.82 2.50 22.49
C GLN A 138 1.93 4.01 22.26
N GLN A 139 0.94 4.78 22.71
CA GLN A 139 1.00 6.21 22.56
C GLN A 139 2.15 6.84 23.37
N GLN A 140 2.26 6.47 24.63
CA GLN A 140 3.28 7.01 25.53
C GLN A 140 4.67 6.73 25.01
N ASN A 141 4.88 5.51 24.58
CA ASN A 141 6.17 5.09 24.08
C ASN A 141 6.49 5.79 22.78
N ALA A 142 5.47 6.07 21.95
CA ALA A 142 5.71 6.75 20.68
C ALA A 142 6.18 8.20 20.93
N VAL A 143 5.55 8.84 21.90
CA VAL A 143 5.89 10.22 22.21
C VAL A 143 7.37 10.29 22.55
N THR A 144 7.82 9.34 23.38
CA THR A 144 9.23 9.22 23.74
C THR A 144 10.13 8.88 22.56
N ASP A 145 9.78 7.82 21.85
CA ASP A 145 10.62 7.33 20.77
C ASP A 145 10.70 8.30 19.59
N PHE A 146 9.66 9.08 19.37
CA PHE A 146 9.65 10.03 18.24
C PHE A 146 10.14 11.39 18.66
N GLN A 147 10.49 11.51 19.94
CA GLN A 147 10.98 12.76 20.52
C GLN A 147 10.01 13.91 20.30
N ILE A 148 8.74 13.66 20.59
CA ILE A 148 7.71 14.68 20.45
C ILE A 148 7.72 15.64 21.64
N ASN A 149 7.97 16.90 21.33
CA ASN A 149 8.07 18.02 22.29
C ASN A 149 6.91 19.01 22.23
N GLY A 150 6.04 18.88 21.24
CA GLY A 150 4.96 19.82 21.07
C GLY A 150 3.97 19.27 20.07
N VAL A 151 2.76 19.81 20.09
CA VAL A 151 1.69 19.35 19.25
C VAL A 151 1.01 20.58 18.71
N PRO A 152 0.32 20.44 17.55
CA PRO A 152 0.26 19.19 16.77
C PRO A 152 1.60 18.83 16.16
N ALA A 153 1.83 17.54 15.90
CA ALA A 153 3.06 17.11 15.26
C ALA A 153 2.78 15.89 14.39
N MET A 154 3.38 15.87 13.21
CA MET A 154 3.25 14.75 12.31
C MET A 154 4.63 14.24 11.90
N VAL A 155 4.84 12.93 12.03
CA VAL A 155 6.11 12.31 11.62
C VAL A 155 5.85 11.27 10.54
N ILE A 156 6.68 11.34 9.50
CA ILE A 156 6.53 10.51 8.30
C ILE A 156 7.64 9.46 8.26
N ASP A 157 7.22 8.21 8.09
CA ASP A 157 8.13 7.07 7.91
C ASP A 157 9.15 6.98 9.03
N GLY A 158 8.75 7.39 10.21
CA GLY A 158 9.63 7.39 11.36
C GLY A 158 10.91 8.21 11.23
N LYS A 159 10.94 9.13 10.28
CA LYS A 159 12.20 9.80 9.94
C LYS A 159 12.08 11.31 9.89
N TYR A 160 10.91 11.82 9.48
CA TYR A 160 10.80 13.22 9.13
C TYR A 160 9.65 13.86 9.87
N LYS A 161 9.94 14.98 10.54
CA LYS A 161 8.92 15.69 11.31
C LYS A 161 8.51 16.99 10.67
N MET A 162 7.21 17.12 10.39
CA MET A 162 6.66 18.36 9.86
C MET A 162 6.96 19.57 10.76
N LYS A 163 7.30 20.69 10.13
CA LYS A 163 7.43 21.98 10.79
C LYS A 163 6.21 22.84 10.51
N ASN A 164 5.41 23.06 11.54
CA ASN A 164 4.14 23.73 11.33
C ASN A 164 4.33 25.18 10.95
N ASP A 165 5.48 25.74 11.31
CA ASP A 165 5.82 27.14 10.99
C ASP A 165 6.56 27.26 9.67
N GLY A 166 6.70 26.17 8.93
CA GLY A 166 7.55 26.17 7.75
C GLY A 166 6.83 25.91 6.43
N ILE A 167 5.53 26.15 6.42
CA ILE A 167 4.69 25.89 5.25
C ILE A 167 4.58 27.20 4.47
N SER A 168 4.54 27.12 3.14
CA SER A 168 4.43 28.32 2.31
C SER A 168 2.97 28.40 1.93
N ALA A 169 2.27 29.38 2.50
CA ALA A 169 0.83 29.49 2.36
C ALA A 169 0.35 30.87 2.79
N LYS A 170 -0.65 31.39 2.07
CA LYS A 170 -1.24 32.69 2.38
C LYS A 170 -2.66 32.57 2.93
N SER A 171 -3.14 31.33 3.07
CA SER A 171 -4.48 31.12 3.62
C SER A 171 -4.58 29.73 4.22
N PRO A 172 -5.57 29.53 5.09
CA PRO A 172 -5.79 28.20 5.68
C PRO A 172 -5.93 27.16 4.61
N GLU A 173 -6.73 27.46 3.59
CA GLU A 173 -6.93 26.55 2.48
C GLU A 173 -5.59 26.21 1.78
N GLU A 174 -4.78 27.22 1.46
CA GLU A 174 -3.44 26.96 0.93
C GLU A 174 -2.61 26.16 1.93
N TYR A 175 -2.75 26.44 3.23
CA TYR A 175 -1.92 25.78 4.23
C TYR A 175 -2.20 24.28 4.27
N ALA A 176 -3.47 23.92 4.32
CA ALA A 176 -3.87 22.50 4.36
C ALA A 176 -3.33 21.73 3.17
N LYS A 177 -3.49 22.30 1.98
CA LYS A 177 -3.01 21.69 0.74
C LYS A 177 -1.50 21.58 0.68
N ALA A 178 -0.78 22.63 1.09
CA ALA A 178 0.67 22.61 1.05
C ALA A 178 1.23 21.61 2.07
N TYR A 179 0.61 21.55 3.24
CA TYR A 179 1.04 20.64 4.30
C TYR A 179 0.96 19.21 3.75
N SER A 180 -0.17 18.90 3.12
CA SER A 180 -0.39 17.60 2.50
C SER A 180 0.65 17.34 1.43
N ASP A 181 0.92 18.36 0.62
CA ASP A 181 1.88 18.22 -0.48
C ASP A 181 3.24 17.83 0.08
N VAL A 182 3.60 18.40 1.24
CA VAL A 182 4.87 18.08 1.88
C VAL A 182 4.88 16.65 2.40
N VAL A 183 3.82 16.25 3.12
CA VAL A 183 3.71 14.88 3.61
C VAL A 183 3.89 13.86 2.48
N ASN A 184 3.21 14.10 1.36
CA ASN A 184 3.33 13.21 0.22
C ASN A 184 4.73 13.16 -0.37
N GLN A 185 5.37 14.31 -0.51
CA GLN A 185 6.76 14.33 -0.97
C GLN A 185 7.66 13.56 0.01
N LEU A 186 7.42 13.72 1.31
CA LEU A 186 8.21 12.99 2.28
C LEU A 186 7.99 11.49 2.11
N LEU A 187 6.74 11.10 1.89
CA LEU A 187 6.40 9.68 1.70
C LEU A 187 7.09 9.09 0.47
N MET A 188 7.27 9.90 -0.56
CA MET A 188 7.92 9.42 -1.79
C MET A 188 9.44 9.34 -1.64
N LYS A 189 10.01 9.96 -0.61
CA LYS A 189 11.38 9.65 -0.29
C LYS A 189 11.42 8.16 0.09
N ALA B 3 -19.60 -19.54 5.67
CA ALA B 3 -20.32 -20.48 4.75
C ALA B 3 -20.07 -20.15 3.27
N ASP B 4 -20.50 -21.06 2.39
CA ASP B 4 -20.34 -20.87 0.96
C ASP B 4 -21.43 -19.94 0.49
N ILE B 5 -21.07 -18.96 -0.33
CA ILE B 5 -22.11 -18.08 -0.84
C ILE B 5 -22.86 -18.82 -1.91
N SER B 6 -24.16 -18.53 -1.97
CA SER B 6 -25.04 -19.19 -2.91
C SER B 6 -26.08 -18.18 -3.39
N GLU B 7 -26.12 -18.01 -4.71
CA GLU B 7 -27.07 -17.12 -5.37
C GLU B 7 -28.51 -17.44 -4.97
N GLY B 8 -29.22 -16.42 -4.50
CA GLY B 8 -30.58 -16.59 -4.01
C GLY B 8 -30.63 -16.88 -2.51
N LYS B 9 -29.48 -17.13 -1.90
CA LYS B 9 -29.46 -17.42 -0.48
C LYS B 9 -29.02 -16.18 0.29
N GLN B 10 -27.75 -15.83 0.23
CA GLN B 10 -27.24 -14.61 0.88
C GLN B 10 -27.39 -13.33 0.06
N TYR B 11 -27.68 -13.50 -1.22
CA TYR B 11 -27.83 -12.35 -2.08
C TYR B 11 -28.64 -12.73 -3.32
N THR B 12 -29.04 -11.71 -4.09
CA THR B 12 -29.71 -11.90 -5.36
C THR B 12 -29.16 -10.92 -6.37
N ASN B 13 -29.12 -11.32 -7.65
CA ASN B 13 -28.86 -10.37 -8.71
C ASN B 13 -29.91 -9.27 -8.74
N LEU B 14 -29.50 -8.04 -9.01
CA LEU B 14 -30.47 -6.99 -9.29
C LEU B 14 -31.18 -7.34 -10.60
N SER B 15 -32.38 -6.80 -10.82
CA SER B 15 -33.06 -7.06 -12.10
C SER B 15 -32.32 -6.40 -13.25
N LYS B 16 -31.62 -5.30 -12.96
CA LYS B 16 -30.80 -4.56 -13.95
C LYS B 16 -29.59 -3.94 -13.23
N PRO B 17 -28.40 -4.02 -13.82
CA PRO B 17 -27.25 -3.41 -13.13
C PRO B 17 -27.35 -1.90 -13.09
N VAL B 18 -26.72 -1.28 -12.09
CA VAL B 18 -26.69 0.16 -11.99
C VAL B 18 -25.27 0.65 -12.29
N ALA B 19 -25.14 1.50 -13.30
CA ALA B 19 -23.83 1.99 -13.70
C ALA B 19 -23.37 3.18 -12.86
N GLY B 20 -22.05 3.26 -12.66
CA GLY B 20 -21.43 4.41 -12.03
C GLY B 20 -21.65 4.47 -10.53
N ALA B 21 -21.91 3.32 -9.94
CA ALA B 21 -22.32 3.25 -8.55
C ALA B 21 -21.15 3.01 -7.59
N PRO B 22 -21.24 3.52 -6.35
CA PRO B 22 -20.22 3.05 -5.41
C PRO B 22 -20.21 1.53 -5.34
N GLN B 23 -19.09 0.95 -4.93
CA GLN B 23 -18.99 -0.51 -4.79
C GLN B 23 -19.84 -1.08 -3.68
N VAL B 24 -20.12 -0.31 -2.63
CA VAL B 24 -21.10 -0.69 -1.61
C VAL B 24 -22.04 0.48 -1.31
N VAL B 25 -23.33 0.26 -1.48
CA VAL B 25 -24.33 1.22 -1.05
C VAL B 25 -25.23 0.62 0.01
N GLU B 26 -25.26 1.27 1.17
CA GLU B 26 -26.14 0.97 2.27
C GLU B 26 -27.39 1.88 2.20
N PHE B 27 -28.57 1.28 2.35
CA PHE B 27 -29.83 1.99 2.51
C PHE B 27 -30.41 1.68 3.89
N PHE B 28 -30.87 2.71 4.58
CA PHE B 28 -31.44 2.53 5.91
C PHE B 28 -32.51 3.58 6.20
N SER B 29 -33.30 3.33 7.22
CA SER B 29 -34.18 4.33 7.79
C SER B 29 -33.94 4.38 9.28
N PHE B 30 -33.89 5.59 9.83
CA PHE B 30 -33.85 5.79 11.29
C PHE B 30 -35.08 5.24 12.01
N TYR B 31 -36.16 4.96 11.27
CA TYR B 31 -37.38 4.38 11.85
C TYR B 31 -37.35 2.85 11.91
N SER B 32 -36.37 2.21 11.26
CA SER B 32 -36.40 0.75 11.07
C SER B 32 -35.67 0.03 12.18
N PRO B 33 -36.37 -0.82 12.92
CA PRO B 33 -35.68 -1.56 14.02
C PRO B 33 -34.49 -2.38 13.56
N HIS B 34 -34.60 -3.08 12.43
CA HIS B 34 -33.49 -3.87 11.95
C HIS B 34 -32.34 -2.95 11.56
N CYS B 35 -32.63 -1.74 11.10
CA CYS B 35 -31.54 -0.82 10.80
C CYS B 35 -30.84 -0.41 12.09
N TYR B 36 -31.64 -0.16 13.11
CA TYR B 36 -31.09 0.16 14.40
C TYR B 36 -30.09 -0.92 14.87
N GLN B 37 -30.46 -2.18 14.67
CA GLN B 37 -29.62 -3.30 15.12
C GLN B 37 -28.36 -3.37 14.29
N PHE B 38 -28.48 -3.16 12.97
CA PHE B 38 -27.30 -3.18 12.10
C PHE B 38 -26.30 -2.13 12.57
N SER B 39 -26.83 -0.96 12.93
CA SER B 39 -25.97 0.22 13.15
C SER B 39 -25.46 0.34 14.57
N GLU B 40 -26.35 0.16 15.53
CA GLU B 40 -26.04 0.54 16.89
C GLU B 40 -25.89 -0.66 17.83
N VAL B 41 -26.44 -1.80 17.45
CA VAL B 41 -26.49 -2.92 18.40
C VAL B 41 -25.52 -4.05 18.05
N TYR B 42 -25.63 -4.59 16.83
CA TYR B 42 -24.83 -5.76 16.45
C TYR B 42 -23.64 -5.53 15.50
N LYS B 43 -23.29 -4.28 15.23
CA LYS B 43 -22.02 -4.04 14.54
C LYS B 43 -21.94 -4.52 13.06
N VAL B 44 -23.08 -4.68 12.40
CA VAL B 44 -23.08 -5.18 11.05
C VAL B 44 -22.40 -4.18 10.08
N ASN B 45 -22.85 -2.92 10.12
CA ASN B 45 -22.30 -1.91 9.22
C ASN B 45 -20.81 -1.74 9.47
N SER B 46 -20.45 -1.65 10.75
CA SER B 46 -19.07 -1.39 11.11
C SER B 46 -18.16 -2.55 10.67
N THR B 47 -18.65 -3.79 10.83
CA THR B 47 -17.87 -4.97 10.46
C THR B 47 -17.67 -4.99 8.93
N VAL B 48 -18.75 -4.78 8.19
CA VAL B 48 -18.61 -4.68 6.73
C VAL B 48 -17.61 -3.57 6.34
N GLU B 49 -17.84 -2.36 6.83
CA GLU B 49 -17.00 -1.21 6.51
C GLU B 49 -15.53 -1.47 6.86
N LYS B 50 -15.29 -2.17 7.96
CA LYS B 50 -13.92 -2.35 8.42
C LYS B 50 -13.22 -3.48 7.68
N ASN B 51 -13.96 -4.38 7.04
CA ASN B 51 -13.30 -5.54 6.42
C ASN B 51 -13.30 -5.55 4.88
N VAL B 52 -14.00 -4.60 4.25
CA VAL B 52 -13.86 -4.45 2.82
C VAL B 52 -12.42 -4.01 2.55
N PRO B 53 -11.91 -4.30 1.35
CA PRO B 53 -10.56 -3.86 0.98
C PRO B 53 -10.48 -2.35 1.15
N GLU B 54 -9.33 -1.87 1.60
CA GLU B 54 -9.06 -0.45 1.62
C GLU B 54 -9.37 0.07 0.25
N ASN B 55 -10.00 1.23 0.20
CA ASN B 55 -10.25 1.95 -1.05
C ASN B 55 -11.53 1.54 -1.76
N THR B 56 -12.25 0.57 -1.20
CA THR B 56 -13.60 0.26 -1.64
C THR B 56 -14.44 1.51 -1.48
N LYS B 57 -15.05 1.98 -2.57
CA LYS B 57 -15.90 3.17 -2.49
C LYS B 57 -17.25 2.80 -1.86
N MET B 58 -17.61 3.48 -0.78
CA MET B 58 -18.88 3.22 -0.10
C MET B 58 -19.83 4.44 -0.03
N ALA B 59 -21.11 4.19 0.19
CA ALA B 59 -22.08 5.26 0.39
C ALA B 59 -23.18 4.79 1.30
N ARG B 60 -23.80 5.73 1.99
CA ARG B 60 -24.87 5.38 2.94
C ARG B 60 -26.02 6.35 2.80
N TYR B 61 -27.15 5.84 2.35
CA TYR B 61 -28.30 6.68 2.03
C TYR B 61 -29.53 6.34 2.86
N HIS B 62 -30.33 7.36 3.12
CA HIS B 62 -31.55 7.21 3.89
C HIS B 62 -32.73 7.14 2.92
N VAL B 63 -33.77 6.41 3.30
CA VAL B 63 -34.96 6.22 2.45
C VAL B 63 -36.13 6.97 3.05
N ASP B 64 -37.06 7.41 2.21
CA ASP B 64 -38.18 8.28 2.62
C ASP B 64 -39.40 7.53 3.04
N PHE B 65 -39.51 6.25 2.64
CA PHE B 65 -40.78 5.55 2.67
C PHE B 65 -41.15 4.83 3.96
N LEU B 66 -40.45 5.13 5.04
CA LEU B 66 -40.85 4.69 6.37
C LEU B 66 -40.97 5.91 7.26
N GLY B 67 -42.00 5.92 8.10
CA GLY B 67 -42.12 6.90 9.18
C GLY B 67 -42.82 8.16 8.70
N PRO B 68 -43.49 8.87 9.64
CA PRO B 68 -44.19 10.10 9.31
C PRO B 68 -43.19 11.23 8.92
N LEU B 69 -41.96 11.16 9.39
CA LEU B 69 -40.93 12.13 8.99
C LEU B 69 -39.88 11.59 8.00
N GLY B 70 -40.20 10.54 7.26
CA GLY B 70 -39.22 9.89 6.39
C GLY B 70 -38.52 10.83 5.42
N LYS B 71 -39.30 11.67 4.74
CA LYS B 71 -38.75 12.64 3.79
C LYS B 71 -37.86 13.64 4.50
N GLU B 72 -38.35 14.17 5.62
CA GLU B 72 -37.57 15.16 6.36
C GLU B 72 -36.25 14.59 6.92
N MET B 73 -36.28 13.31 7.32
CA MET B 73 -35.11 12.65 7.90
C MET B 73 -34.12 12.35 6.81
N THR B 74 -34.61 12.13 5.60
CA THR B 74 -33.71 11.89 4.47
C THR B 74 -32.95 13.18 4.15
N ARG B 75 -33.62 14.31 4.28
CA ARG B 75 -32.94 15.56 3.99
C ARG B 75 -31.97 15.86 5.14
N ALA B 76 -32.37 15.52 6.37
CA ALA B 76 -31.50 15.78 7.50
C ALA B 76 -30.24 14.88 7.38
N TRP B 77 -30.43 13.68 6.85
CA TRP B 77 -29.28 12.79 6.66
C TRP B 77 -28.28 13.35 5.65
N ALA B 78 -28.79 13.95 4.59
CA ALA B 78 -27.97 14.65 3.62
C ALA B 78 -27.19 15.79 4.28
N VAL B 79 -27.84 16.50 5.19
CA VAL B 79 -27.17 17.54 5.96
C VAL B 79 -26.05 16.91 6.79
N ALA B 80 -26.29 15.73 7.35
CA ALA B 80 -25.26 15.06 8.15
C ALA B 80 -24.05 14.70 7.31
N ILE B 81 -24.31 14.21 6.09
CA ILE B 81 -23.24 13.91 5.14
C ILE B 81 -22.47 15.20 4.78
N ALA B 82 -23.21 16.23 4.39
CA ALA B 82 -22.59 17.51 3.98
C ALA B 82 -21.64 18.05 5.04
N LEU B 83 -22.03 17.89 6.31
CA LEU B 83 -21.28 18.44 7.41
C LEU B 83 -20.28 17.46 8.03
N GLY B 84 -20.32 16.22 7.55
CA GLY B 84 -19.43 15.19 8.05
C GLY B 84 -19.65 14.84 9.51
N VAL B 85 -20.91 14.82 9.92
CA VAL B 85 -21.28 14.56 11.33
C VAL B 85 -22.20 13.32 11.49
N GLU B 86 -22.16 12.43 10.50
CA GLU B 86 -22.93 11.21 10.51
C GLU B 86 -22.78 10.44 11.82
N ASP B 87 -21.55 10.19 12.23
CA ASP B 87 -21.29 9.37 13.43
C ASP B 87 -21.70 10.11 14.67
N GLN B 88 -21.58 11.44 14.59
CA GLN B 88 -21.86 12.31 15.72
C GLN B 88 -23.35 12.36 16.02
N VAL B 89 -24.19 12.34 14.98
CA VAL B 89 -25.63 12.49 15.20
C VAL B 89 -26.44 11.19 15.16
N SER B 90 -25.89 10.11 14.63
CA SER B 90 -26.70 8.92 14.36
C SER B 90 -27.29 8.27 15.62
N PRO B 91 -26.47 8.13 16.69
CA PRO B 91 -27.07 7.54 17.90
C PRO B 91 -28.27 8.36 18.45
N ALA B 92 -28.12 9.67 18.59
CA ALA B 92 -29.23 10.52 19.06
C ALA B 92 -30.47 10.40 18.18
N LEU B 93 -30.27 10.31 16.86
CA LEU B 93 -31.40 10.21 15.94
C LEU B 93 -32.11 8.86 16.07
N PHE B 94 -31.34 7.78 16.10
CA PHE B 94 -31.91 6.43 16.32
C PHE B 94 -32.63 6.35 17.66
N LYS B 95 -31.97 6.85 18.71
CA LYS B 95 -32.59 6.87 20.02
C LYS B 95 -33.89 7.65 20.03
N GLY B 96 -33.86 8.87 19.50
CA GLY B 96 -35.03 9.72 19.46
C GLY B 96 -36.18 9.26 18.56
N ILE B 97 -35.89 8.73 17.38
CA ILE B 97 -36.97 8.21 16.53
C ILE B 97 -37.54 6.88 17.09
N GLN B 98 -36.68 5.96 17.53
CA GLN B 98 -37.14 4.60 17.87
C GLN B 98 -37.22 4.25 19.35
N GLU B 99 -36.08 4.35 20.03
CA GLU B 99 -35.99 3.89 21.41
C GLU B 99 -36.97 4.66 22.29
N THR B 100 -36.90 5.99 22.27
CA THR B 100 -37.74 6.81 23.14
C THR B 100 -38.89 7.53 22.45
N GLN B 101 -39.00 7.39 21.14
CA GLN B 101 -40.02 8.12 20.37
C GLN B 101 -40.20 9.54 20.88
N SER B 102 -39.07 10.23 21.05
CA SER B 102 -39.05 11.64 21.44
C SER B 102 -38.84 12.61 20.26
N ILE B 103 -38.52 12.07 19.09
CA ILE B 103 -38.50 12.85 17.84
C ILE B 103 -39.77 12.58 17.04
N ARG B 104 -40.68 13.54 17.14
CA ARG B 104 -42.07 13.33 16.77
C ARG B 104 -42.57 14.39 15.79
N SER B 105 -41.90 15.53 15.76
CA SER B 105 -42.23 16.58 14.80
C SER B 105 -40.96 17.12 14.17
N VAL B 106 -41.12 17.77 13.03
CA VAL B 106 -39.97 18.17 12.22
C VAL B 106 -38.94 19.02 12.97
N ASP B 107 -39.38 19.94 13.82
CA ASP B 107 -38.45 20.80 14.54
C ASP B 107 -37.57 19.97 15.48
N ASP B 108 -38.03 18.78 15.84
CA ASP B 108 -37.28 17.93 16.78
C ASP B 108 -35.98 17.54 16.06
N ILE B 109 -36.01 17.51 14.73
CA ILE B 109 -34.85 17.00 13.98
C ILE B 109 -33.65 17.94 14.14
N ARG B 110 -33.88 19.20 13.76
CA ARG B 110 -32.88 20.25 13.89
C ARG B 110 -32.36 20.34 15.34
N THR B 111 -33.28 20.29 16.29
CA THR B 111 -32.94 20.41 17.70
C THR B 111 -32.02 19.28 18.14
N THR B 112 -32.27 18.07 17.61
CA THR B 112 -31.44 16.91 17.93
C THR B 112 -30.02 17.14 17.40
N PHE B 113 -29.89 17.62 16.17
CA PHE B 113 -28.57 17.95 15.63
C PHE B 113 -27.82 18.93 16.54
N ILE B 114 -28.49 20.02 16.89
CA ILE B 114 -27.89 21.04 17.73
C ILE B 114 -27.47 20.51 19.11
N ASN B 115 -28.35 19.72 19.75
CA ASN B 115 -28.02 19.12 21.04
C ASN B 115 -26.81 18.18 20.96
N ALA B 116 -26.67 17.56 19.80
CA ALA B 116 -25.54 16.65 19.54
C ALA B 116 -24.24 17.39 19.26
N GLY B 117 -24.30 18.72 19.15
CA GLY B 117 -23.12 19.51 19.01
C GLY B 117 -22.94 20.18 17.68
N VAL B 118 -23.94 20.05 16.79
CA VAL B 118 -23.85 20.72 15.51
C VAL B 118 -24.26 22.18 15.66
N LYS B 119 -23.41 23.05 15.12
CA LYS B 119 -23.67 24.47 15.05
C LYS B 119 -24.94 24.78 14.25
N ALA B 120 -25.85 25.53 14.86
CA ALA B 120 -27.13 25.82 14.26
C ALA B 120 -26.92 26.52 12.92
N GLU B 121 -25.96 27.43 12.90
CA GLU B 121 -25.66 28.23 11.72
C GLU B 121 -25.35 27.30 10.53
N ASP B 122 -24.61 26.23 10.81
CA ASP B 122 -24.14 25.31 9.76
C ASP B 122 -25.27 24.42 9.30
N TYR B 123 -26.14 24.01 10.22
CA TYR B 123 -27.31 23.24 9.87
C TYR B 123 -28.22 24.02 8.92
N ASP B 124 -28.52 25.26 9.30
CA ASP B 124 -29.47 26.10 8.56
C ASP B 124 -28.93 26.51 7.19
N ALA B 125 -27.64 26.76 7.09
CA ALA B 125 -27.03 26.99 5.78
C ALA B 125 -27.06 25.70 4.93
N ALA B 126 -26.69 24.58 5.53
CA ALA B 126 -26.50 23.36 4.74
C ALA B 126 -27.81 22.82 4.18
N ILE B 127 -28.89 22.92 4.95
CA ILE B 127 -30.12 22.29 4.55
C ILE B 127 -30.70 22.76 3.20
N ASN B 128 -30.37 23.98 2.78
CA ASN B 128 -30.82 24.53 1.47
C ASN B 128 -29.69 24.68 0.43
N SER B 129 -28.54 24.05 0.70
CA SER B 129 -27.37 24.05 -0.18
C SER B 129 -27.58 23.20 -1.44
N PHE B 130 -26.93 23.59 -2.53
CA PHE B 130 -26.84 22.69 -3.69
C PHE B 130 -26.35 21.30 -3.26
N VAL B 131 -25.41 21.23 -2.31
CA VAL B 131 -24.83 19.96 -1.95
C VAL B 131 -25.93 19.09 -1.40
N VAL B 132 -26.73 19.67 -0.51
CA VAL B 132 -27.72 18.89 0.17
C VAL B 132 -28.86 18.58 -0.79
N ASN B 133 -29.24 19.54 -1.60
CA ASN B 133 -30.31 19.30 -2.53
C ASN B 133 -29.90 18.16 -3.47
N SER B 134 -28.64 18.16 -3.91
CA SER B 134 -28.15 17.11 -4.80
C SER B 134 -28.05 15.76 -4.12
N LEU B 135 -27.71 15.75 -2.82
CA LEU B 135 -27.72 14.50 -2.04
C LEU B 135 -29.12 13.91 -1.87
N VAL B 136 -30.11 14.78 -1.73
CA VAL B 136 -31.46 14.28 -1.61
C VAL B 136 -31.86 13.60 -2.92
N SER B 137 -31.59 14.24 -4.04
CA SER B 137 -31.87 13.65 -5.34
C SER B 137 -31.14 12.31 -5.52
N GLN B 138 -29.87 12.28 -5.11
CA GLN B 138 -29.01 11.12 -5.32
C GLN B 138 -29.54 9.95 -4.52
N GLN B 139 -30.02 10.24 -3.31
CA GLN B 139 -30.60 9.22 -2.45
C GLN B 139 -31.88 8.61 -3.07
N GLN B 140 -32.77 9.49 -3.54
CA GLN B 140 -34.02 9.10 -4.18
C GLN B 140 -33.74 8.29 -5.46
N ASN B 141 -32.82 8.76 -6.28
CA ASN B 141 -32.49 8.06 -7.53
C ASN B 141 -31.80 6.72 -7.30
N ALA B 142 -31.00 6.61 -6.24
CA ALA B 142 -30.39 5.33 -5.88
C ALA B 142 -31.47 4.35 -5.40
N VAL B 143 -32.40 4.83 -4.58
CA VAL B 143 -33.52 4.01 -4.16
C VAL B 143 -34.27 3.46 -5.38
N THR B 144 -34.52 4.36 -6.34
CA THR B 144 -35.28 4.02 -7.53
C THR B 144 -34.52 3.02 -8.40
N ASP B 145 -33.25 3.34 -8.64
CA ASP B 145 -32.41 2.57 -9.54
C ASP B 145 -32.06 1.19 -8.98
N PHE B 146 -31.86 1.08 -7.68
CA PHE B 146 -31.57 -0.21 -7.05
C PHE B 146 -32.82 -0.98 -6.61
N GLN B 147 -33.98 -0.39 -6.83
CA GLN B 147 -35.28 -0.98 -6.51
C GLN B 147 -35.38 -1.35 -5.02
N ILE B 148 -35.01 -0.37 -4.20
CA ILE B 148 -35.04 -0.51 -2.78
C ILE B 148 -36.46 -0.36 -2.22
N ASN B 149 -36.99 -1.47 -1.73
CA ASN B 149 -38.32 -1.48 -1.14
C ASN B 149 -38.30 -2.09 0.25
N GLY B 150 -37.10 -2.24 0.79
CA GLY B 150 -36.96 -2.66 2.18
C GLY B 150 -35.57 -2.30 2.70
N VAL B 151 -35.46 -2.03 4.00
CA VAL B 151 -34.19 -1.71 4.63
C VAL B 151 -34.09 -2.51 5.92
N PRO B 152 -32.86 -2.73 6.41
CA PRO B 152 -31.59 -2.40 5.79
C PRO B 152 -31.34 -3.18 4.48
N ALA B 153 -30.64 -2.53 3.55
CA ALA B 153 -30.33 -3.12 2.26
C ALA B 153 -28.92 -2.72 1.85
N MET B 154 -28.14 -3.67 1.40
CA MET B 154 -26.83 -3.35 0.81
C MET B 154 -26.77 -3.85 -0.60
N VAL B 155 -26.26 -3.01 -1.47
CA VAL B 155 -26.04 -3.43 -2.84
C VAL B 155 -24.57 -3.30 -3.21
N ILE B 156 -24.09 -4.29 -3.94
CA ILE B 156 -22.65 -4.48 -4.19
C ILE B 156 -22.35 -4.40 -5.69
N ASP B 157 -21.39 -3.54 -6.03
CA ASP B 157 -20.92 -3.32 -7.40
C ASP B 157 -22.01 -3.01 -8.39
N GLY B 158 -23.10 -2.44 -7.90
CA GLY B 158 -24.22 -2.14 -8.76
C GLY B 158 -24.77 -3.37 -9.46
N LYS B 159 -24.65 -4.53 -8.83
CA LYS B 159 -25.07 -5.79 -9.47
C LYS B 159 -25.82 -6.72 -8.53
N TYR B 160 -25.48 -6.69 -7.25
CA TYR B 160 -26.00 -7.66 -6.29
C TYR B 160 -26.64 -6.97 -5.09
N LYS B 161 -27.67 -7.62 -4.54
CA LYS B 161 -28.36 -7.13 -3.35
C LYS B 161 -28.30 -8.18 -2.26
N MET B 162 -27.77 -7.80 -1.10
CA MET B 162 -27.72 -8.71 0.04
C MET B 162 -29.12 -9.13 0.50
N LYS B 163 -29.23 -10.36 0.98
CA LYS B 163 -30.48 -10.90 1.49
C LYS B 163 -30.33 -11.18 2.98
N ASN B 164 -30.93 -10.32 3.81
CA ASN B 164 -30.73 -10.35 5.26
C ASN B 164 -31.21 -11.63 5.90
N ASP B 165 -32.20 -12.25 5.26
CA ASP B 165 -32.72 -13.50 5.80
C ASP B 165 -32.00 -14.74 5.33
N GLY B 166 -30.88 -14.58 4.62
CA GLY B 166 -30.17 -15.72 4.04
C GLY B 166 -28.85 -16.10 4.70
N ILE B 167 -28.52 -15.53 5.84
CA ILE B 167 -27.14 -15.64 6.33
C ILE B 167 -26.93 -16.90 7.16
N SER B 168 -27.96 -17.35 7.85
CA SER B 168 -27.91 -18.63 8.59
C SER B 168 -26.87 -18.63 9.72
N ALA B 169 -26.68 -17.51 10.38
CA ALA B 169 -25.73 -17.41 11.49
C ALA B 169 -26.35 -17.92 12.79
N LYS B 170 -25.52 -18.38 13.72
CA LYS B 170 -26.03 -18.86 15.01
C LYS B 170 -25.95 -17.79 16.09
N SER B 171 -25.33 -16.66 15.80
CA SER B 171 -25.15 -15.62 16.80
C SER B 171 -25.03 -14.29 16.07
N PRO B 172 -25.28 -13.18 16.76
CA PRO B 172 -25.18 -11.91 16.00
C PRO B 172 -23.75 -11.59 15.60
N GLU B 173 -22.82 -12.03 16.42
CA GLU B 173 -21.42 -11.88 16.08
C GLU B 173 -21.13 -12.66 14.78
N GLU B 174 -21.61 -13.90 14.69
CA GLU B 174 -21.41 -14.70 13.46
C GLU B 174 -22.09 -14.05 12.26
N TYR B 175 -23.26 -13.46 12.51
CA TYR B 175 -24.02 -12.81 11.46
C TYR B 175 -23.21 -11.68 10.85
N ALA B 176 -22.63 -10.80 11.68
CA ALA B 176 -21.91 -9.64 11.11
C ALA B 176 -20.70 -10.13 10.30
N LYS B 177 -20.02 -11.14 10.82
CA LYS B 177 -18.85 -11.72 10.14
C LYS B 177 -19.21 -12.44 8.82
N ALA B 178 -20.25 -13.27 8.87
CA ALA B 178 -20.84 -13.86 7.67
C ALA B 178 -21.25 -12.82 6.60
N TYR B 179 -22.02 -11.80 7.00
CA TYR B 179 -22.50 -10.78 6.07
C TYR B 179 -21.31 -10.14 5.37
N SER B 180 -20.32 -9.74 6.15
CA SER B 180 -19.12 -9.10 5.60
C SER B 180 -18.32 -10.03 4.64
N ASP B 181 -18.26 -11.32 4.96
CA ASP B 181 -17.61 -12.29 4.07
C ASP B 181 -18.34 -12.41 2.75
N VAL B 182 -19.67 -12.33 2.78
CA VAL B 182 -20.44 -12.41 1.56
C VAL B 182 -20.15 -11.18 0.71
N VAL B 183 -20.22 -10.01 1.35
CA VAL B 183 -19.89 -8.76 0.67
C VAL B 183 -18.49 -8.79 0.03
N ASN B 184 -17.49 -9.27 0.75
CA ASN B 184 -16.12 -9.29 0.19
C ASN B 184 -15.98 -10.19 -1.04
N GLN B 185 -16.63 -11.36 -0.98
CA GLN B 185 -16.64 -12.28 -2.09
C GLN B 185 -17.36 -11.69 -3.30
N LEU B 186 -18.51 -11.06 -3.06
CA LEU B 186 -19.23 -10.37 -4.11
C LEU B 186 -18.41 -9.23 -4.73
N LEU B 187 -17.66 -8.48 -3.91
CA LEU B 187 -16.77 -7.43 -4.42
C LEU B 187 -15.74 -8.02 -5.40
N MET B 188 -15.35 -9.28 -5.22
N MET B 188 -15.35 -9.29 -5.18
CA MET B 188 -14.32 -9.87 -6.07
CA MET B 188 -14.34 -9.99 -5.99
C MET B 188 -14.90 -10.70 -7.22
C MET B 188 -14.92 -10.60 -7.25
N LYS B 189 -16.22 -10.81 -7.27
CA LYS B 189 -16.88 -11.54 -8.33
C LYS B 189 -16.77 -10.78 -9.65
N LYS B 190 -16.58 -11.51 -10.74
CA LYS B 190 -16.33 -10.89 -12.05
C LYS B 190 -17.61 -10.35 -12.68
N ASP C 4 -2.22 18.12 -12.27
CA ASP C 4 -3.62 18.10 -12.73
C ASP C 4 -3.78 17.15 -13.90
N ILE C 5 -4.50 16.05 -13.67
CA ILE C 5 -4.77 15.10 -14.74
C ILE C 5 -6.24 14.98 -14.92
N SER C 6 -6.64 14.52 -16.09
CA SER C 6 -8.03 14.40 -16.41
C SER C 6 -8.22 13.27 -17.39
N GLU C 7 -9.32 12.57 -17.23
CA GLU C 7 -9.74 11.53 -18.15
C GLU C 7 -9.78 12.02 -19.60
N GLY C 8 -9.30 11.19 -20.51
CA GLY C 8 -9.20 11.57 -21.90
C GLY C 8 -7.93 12.32 -22.25
N LYS C 9 -7.21 12.80 -21.25
CA LYS C 9 -5.98 13.49 -21.54
C LYS C 9 -4.76 12.59 -21.35
N GLN C 10 -4.39 12.30 -20.10
CA GLN C 10 -3.22 11.43 -19.85
C GLN C 10 -3.56 9.92 -19.73
N TYR C 11 -4.85 9.60 -19.64
CA TYR C 11 -5.29 8.22 -19.38
C TYR C 11 -6.78 8.16 -19.67
N THR C 12 -7.31 6.94 -19.77
CA THR C 12 -8.73 6.75 -19.98
C THR C 12 -9.35 5.78 -18.94
N ASN C 13 -10.65 5.89 -18.70
CA ASN C 13 -11.31 4.95 -17.80
C ASN C 13 -11.57 3.64 -18.53
N LEU C 14 -11.27 2.51 -17.90
CA LEU C 14 -11.77 1.24 -18.42
C LEU C 14 -13.29 1.24 -18.45
N SER C 15 -13.86 0.67 -19.50
CA SER C 15 -15.30 0.50 -19.56
C SER C 15 -15.76 -0.41 -18.40
N LYS C 16 -14.89 -1.31 -17.93
CA LYS C 16 -15.23 -2.24 -16.85
C LYS C 16 -14.07 -2.52 -15.92
N PRO C 17 -14.00 -1.74 -14.83
CA PRO C 17 -12.95 -1.94 -13.82
C PRO C 17 -12.83 -3.37 -13.34
N VAL C 18 -11.63 -3.76 -12.94
CA VAL C 18 -11.41 -5.09 -12.40
C VAL C 18 -11.06 -5.03 -10.91
N ALA C 19 -11.73 -5.88 -10.13
CA ALA C 19 -11.53 -5.97 -8.69
C ALA C 19 -10.33 -6.85 -8.36
N GLY C 20 -9.64 -6.51 -7.27
CA GLY C 20 -8.49 -7.29 -6.83
C GLY C 20 -7.31 -7.27 -7.80
N ALA C 21 -7.33 -6.33 -8.75
CA ALA C 21 -6.24 -6.20 -9.70
C ALA C 21 -5.00 -5.70 -8.99
N PRO C 22 -3.84 -6.17 -9.43
CA PRO C 22 -2.66 -5.45 -8.93
C PRO C 22 -2.81 -3.97 -9.25
N GLN C 23 -2.17 -3.12 -8.47
CA GLN C 23 -2.34 -1.68 -8.64
C GLN C 23 -1.75 -1.17 -9.95
N VAL C 24 -0.68 -1.81 -10.39
CA VAL C 24 -0.08 -1.49 -11.68
C VAL C 24 0.08 -2.79 -12.47
N VAL C 25 -0.60 -2.86 -13.62
CA VAL C 25 -0.41 -3.98 -14.52
C VAL C 25 0.16 -3.47 -15.85
N GLU C 26 1.33 -3.99 -16.19
CA GLU C 26 2.00 -3.68 -17.43
C GLU C 26 1.69 -4.77 -18.45
N PHE C 27 1.32 -4.37 -19.66
CA PHE C 27 1.13 -5.34 -20.75
C PHE C 27 2.09 -5.07 -21.90
N PHE C 28 2.76 -6.11 -22.37
CA PHE C 28 3.74 -5.93 -23.45
C PHE C 28 3.81 -7.13 -24.40
N SER C 29 4.52 -6.92 -25.49
CA SER C 29 4.98 -8.00 -26.35
C SER C 29 6.48 -7.79 -26.63
N PHE C 30 7.21 -8.89 -26.65
CA PHE C 30 8.57 -8.94 -27.18
C PHE C 30 8.72 -8.62 -28.68
N TYR C 31 7.63 -8.68 -29.43
CA TYR C 31 7.61 -8.30 -30.84
C TYR C 31 7.43 -6.79 -31.07
N SER C 32 7.00 -6.07 -30.04
CA SER C 32 6.58 -4.68 -30.19
C SER C 32 7.75 -3.70 -30.04
N PRO C 33 8.07 -2.91 -31.08
CA PRO C 33 9.18 -1.94 -30.95
C PRO C 33 8.94 -0.92 -29.82
N HIS C 34 7.72 -0.40 -29.69
CA HIS C 34 7.43 0.54 -28.60
C HIS C 34 7.70 -0.11 -27.24
N CYS C 35 7.35 -1.39 -27.08
CA CYS C 35 7.60 -2.08 -25.81
C CYS C 35 9.08 -2.15 -25.56
N TYR C 36 9.85 -2.43 -26.61
CA TYR C 36 11.29 -2.53 -26.47
C TYR C 36 11.83 -1.17 -26.00
N GLN C 37 11.34 -0.09 -26.62
CA GLN C 37 11.80 1.23 -26.22
C GLN C 37 11.42 1.56 -24.79
N PHE C 38 10.18 1.25 -24.41
CA PHE C 38 9.68 1.46 -23.05
C PHE C 38 10.48 0.75 -22.00
N SER C 39 10.84 -0.50 -22.27
CA SER C 39 11.51 -1.36 -21.32
C SER C 39 13.04 -1.18 -21.32
N GLU C 40 13.62 -1.18 -22.50
CA GLU C 40 15.06 -1.33 -22.63
C GLU C 40 15.78 -0.05 -23.02
N VAL C 41 15.09 0.86 -23.68
CA VAL C 41 15.76 2.03 -24.21
C VAL C 41 15.53 3.24 -23.31
N TYR C 42 14.28 3.59 -23.05
CA TYR C 42 13.97 4.79 -22.29
C TYR C 42 13.52 4.50 -20.86
N LYS C 43 13.41 3.20 -20.58
CA LYS C 43 13.08 2.67 -19.27
C LYS C 43 11.97 3.42 -18.53
N VAL C 44 10.85 3.56 -19.20
CA VAL C 44 9.68 4.21 -18.62
C VAL C 44 9.17 3.30 -17.51
N ASN C 45 9.21 2.01 -17.81
CA ASN C 45 8.89 0.95 -16.87
C ASN C 45 9.54 1.10 -15.53
N SER C 46 10.86 1.07 -15.55
CA SER C 46 11.61 1.05 -14.33
C SER C 46 11.37 2.34 -13.57
N THR C 47 11.27 3.47 -14.28
CA THR C 47 10.96 4.76 -13.65
C THR C 47 9.63 4.75 -12.89
N VAL C 48 8.58 4.20 -13.51
CA VAL C 48 7.29 4.04 -12.85
C VAL C 48 7.45 3.11 -11.63
N GLU C 49 8.07 1.95 -11.85
CA GLU C 49 8.25 0.96 -10.80
C GLU C 49 9.06 1.47 -9.61
N LYS C 50 10.07 2.29 -9.88
CA LYS C 50 10.93 2.82 -8.85
C LYS C 50 10.28 3.94 -8.03
N ASN C 51 9.20 4.56 -8.54
CA ASN C 51 8.66 5.74 -7.89
C ASN C 51 7.20 5.64 -7.43
N VAL C 52 6.61 4.45 -7.57
CA VAL C 52 5.27 4.26 -7.07
C VAL C 52 5.32 4.30 -5.53
N PRO C 53 4.18 4.48 -4.88
CA PRO C 53 4.16 4.45 -3.41
C PRO C 53 4.57 3.10 -2.85
N GLU C 54 4.97 3.10 -1.58
CA GLU C 54 5.24 1.86 -0.86
C GLU C 54 4.05 0.95 -0.96
N ASN C 55 4.31 -0.35 -0.97
CA ASN C 55 3.29 -1.40 -1.00
C ASN C 55 2.40 -1.38 -2.24
N THR C 56 2.94 -0.93 -3.35
CA THR C 56 2.16 -0.97 -4.58
C THR C 56 2.43 -2.34 -5.24
N LYS C 57 1.39 -3.14 -5.45
CA LYS C 57 1.57 -4.42 -6.13
C LYS C 57 1.61 -4.23 -7.66
N MET C 58 2.58 -4.89 -8.29
CA MET C 58 2.79 -4.72 -9.72
C MET C 58 2.82 -6.09 -10.46
N ALA C 59 2.27 -6.14 -11.66
CA ALA C 59 2.28 -7.35 -12.47
C ALA C 59 2.71 -6.96 -13.88
N ARG C 60 3.41 -7.85 -14.56
CA ARG C 60 3.88 -7.60 -15.90
C ARG C 60 3.52 -8.82 -16.72
N TYR C 61 2.66 -8.59 -17.72
CA TYR C 61 2.05 -9.64 -18.53
C TYR C 61 2.35 -9.48 -20.02
N HIS C 62 2.58 -10.60 -20.67
CA HIS C 62 2.85 -10.65 -22.09
C HIS C 62 1.55 -10.96 -22.84
N VAL C 63 1.41 -10.42 -24.05
CA VAL C 63 0.17 -10.57 -24.82
C VAL C 63 0.37 -11.46 -26.04
N ASP C 64 -0.73 -12.05 -26.51
CA ASP C 64 -0.69 -13.12 -27.50
C ASP C 64 -0.81 -12.59 -28.92
N PHE C 65 -1.37 -11.40 -29.10
CA PHE C 65 -1.87 -10.97 -30.41
C PHE C 65 -0.86 -10.42 -31.41
N LEU C 66 0.40 -10.22 -31.00
CA LEU C 66 1.45 -9.85 -31.96
C LEU C 66 2.46 -10.97 -32.22
N GLY C 67 2.89 -11.09 -33.47
CA GLY C 67 4.03 -11.92 -33.83
C GLY C 67 3.63 -13.36 -34.05
N PRO C 68 4.40 -14.07 -34.87
CA PRO C 68 4.12 -15.47 -35.20
C PRO C 68 4.09 -16.41 -33.99
N LEU C 69 4.90 -16.11 -33.00
CA LEU C 69 4.98 -16.95 -31.81
C LEU C 69 4.46 -16.23 -30.53
N GLY C 70 3.49 -15.33 -30.70
CA GLY C 70 2.96 -14.58 -29.56
C GLY C 70 2.54 -15.44 -28.38
N LYS C 71 1.82 -16.52 -28.69
CA LYS C 71 1.31 -17.41 -27.67
C LYS C 71 2.46 -18.12 -26.97
N GLU C 72 3.41 -18.58 -27.75
CA GLU C 72 4.54 -19.33 -27.20
C GLU C 72 5.44 -18.43 -26.34
N MET C 73 5.54 -17.17 -26.73
CA MET C 73 6.34 -16.19 -25.98
C MET C 73 5.64 -15.81 -24.67
N THR C 74 4.31 -15.80 -24.68
CA THR C 74 3.56 -15.58 -23.46
C THR C 74 3.80 -16.72 -22.49
N ARG C 75 3.84 -17.95 -23.02
CA ARG C 75 4.19 -19.08 -22.17
C ARG C 75 5.64 -19.02 -21.66
N ALA C 76 6.57 -18.62 -22.51
CA ALA C 76 7.95 -18.39 -22.06
C ALA C 76 8.02 -17.29 -21.00
N TRP C 77 7.23 -16.23 -21.14
CA TRP C 77 7.22 -15.18 -20.09
C TRP C 77 6.69 -15.75 -18.74
N ALA C 78 5.67 -16.59 -18.80
CA ALA C 78 5.19 -17.28 -17.62
C ALA C 78 6.35 -18.09 -16.99
N VAL C 79 7.11 -18.77 -17.84
CA VAL C 79 8.31 -19.47 -17.33
C VAL C 79 9.30 -18.54 -16.67
N ALA C 80 9.55 -17.36 -17.27
CA ALA C 80 10.47 -16.39 -16.67
C ALA C 80 9.97 -15.91 -15.29
N ILE C 81 8.69 -15.63 -15.19
CA ILE C 81 8.10 -15.21 -13.91
C ILE C 81 8.30 -16.35 -12.87
N ALA C 82 7.98 -17.56 -13.29
CA ALA C 82 8.01 -18.74 -12.41
C ALA C 82 9.41 -18.99 -11.88
N LEU C 83 10.40 -18.82 -12.75
CA LEU C 83 11.81 -19.00 -12.35
C LEU C 83 12.46 -17.72 -11.73
N GLY C 84 11.75 -16.61 -11.77
CA GLY C 84 12.29 -15.34 -11.30
C GLY C 84 13.45 -14.84 -12.14
N VAL C 85 13.38 -15.03 -13.45
CA VAL C 85 14.49 -14.67 -14.32
C VAL C 85 14.08 -13.57 -15.31
N GLU C 86 13.02 -12.85 -14.98
CA GLU C 86 12.52 -11.80 -15.86
C GLU C 86 13.62 -10.84 -16.30
N ASP C 87 14.31 -10.20 -15.35
CA ASP C 87 15.35 -9.22 -15.69
C ASP C 87 16.52 -9.91 -16.40
N GLN C 88 16.85 -11.11 -15.94
CA GLN C 88 17.95 -11.90 -16.53
C GLN C 88 17.77 -12.17 -18.04
N VAL C 89 16.56 -12.55 -18.47
CA VAL C 89 16.37 -13.01 -19.85
C VAL C 89 15.70 -11.99 -20.79
N SER C 90 15.10 -10.94 -20.25
CA SER C 90 14.32 -10.05 -21.12
C SER C 90 15.17 -9.43 -22.24
N PRO C 91 16.38 -8.99 -21.91
CA PRO C 91 17.18 -8.38 -23.00
C PRO C 91 17.40 -9.38 -24.14
N ALA C 92 17.75 -10.61 -23.77
CA ALA C 92 18.05 -11.63 -24.77
C ALA C 92 16.85 -11.92 -25.66
N LEU C 93 15.68 -11.92 -25.04
CA LEU C 93 14.45 -12.19 -25.77
C LEU C 93 14.09 -11.04 -26.73
N PHE C 94 14.16 -9.80 -26.26
CA PHE C 94 13.91 -8.67 -27.15
C PHE C 94 14.86 -8.71 -28.33
N LYS C 95 16.13 -8.99 -28.05
CA LYS C 95 17.16 -9.00 -29.08
C LYS C 95 16.92 -10.13 -30.09
N GLY C 96 16.58 -11.32 -29.59
CA GLY C 96 16.34 -12.46 -30.44
C GLY C 96 15.14 -12.30 -31.37
N ILE C 97 14.11 -11.60 -30.89
CA ILE C 97 12.94 -11.28 -31.70
C ILE C 97 13.20 -10.08 -32.64
N GLN C 98 13.63 -8.95 -32.08
CA GLN C 98 13.69 -7.70 -32.84
C GLN C 98 15.01 -7.34 -33.53
N GLU C 99 16.14 -7.73 -32.95
CA GLU C 99 17.42 -7.29 -33.50
C GLU C 99 18.02 -8.39 -34.40
N THR C 100 18.14 -9.61 -33.90
CA THR C 100 18.73 -10.66 -34.71
C THR C 100 17.71 -11.56 -35.41
N GLN C 101 16.45 -11.54 -34.98
CA GLN C 101 15.42 -12.36 -35.63
C GLN C 101 15.81 -13.82 -35.65
N SER C 102 16.36 -14.25 -34.52
CA SER C 102 16.96 -15.56 -34.37
C SER C 102 16.02 -16.52 -33.64
N ILE C 103 14.89 -16.00 -33.15
CA ILE C 103 13.92 -16.83 -32.45
C ILE C 103 12.76 -17.13 -33.37
N ARG C 104 12.70 -18.36 -33.85
CA ARG C 104 11.71 -18.74 -34.86
C ARG C 104 10.92 -20.02 -34.56
N SER C 105 11.02 -20.52 -33.33
CA SER C 105 10.41 -21.79 -32.98
C SER C 105 10.45 -21.92 -31.47
N VAL C 106 9.65 -22.83 -30.94
CA VAL C 106 9.67 -23.02 -29.50
C VAL C 106 11.04 -23.44 -29.01
N ASP C 107 11.76 -24.16 -29.86
CA ASP C 107 13.09 -24.64 -29.53
C ASP C 107 14.04 -23.46 -29.38
N ASP C 108 13.87 -22.43 -30.21
CA ASP C 108 14.77 -21.28 -30.18
C ASP C 108 14.54 -20.50 -28.89
N ILE C 109 13.30 -20.49 -28.43
CA ILE C 109 12.96 -19.79 -27.21
C ILE C 109 13.68 -20.45 -26.04
N ARG C 110 13.61 -21.78 -26.00
CA ARG C 110 14.28 -22.56 -24.99
C ARG C 110 15.78 -22.29 -25.03
N THR C 111 16.35 -22.26 -26.22
CA THR C 111 17.80 -22.09 -26.34
C THR C 111 18.25 -20.69 -25.87
N THR C 112 17.38 -19.70 -26.10
CA THR C 112 17.63 -18.32 -25.66
C THR C 112 17.66 -18.24 -24.14
N PHE C 113 16.67 -18.83 -23.47
CA PHE C 113 16.73 -18.97 -22.01
C PHE C 113 18.02 -19.65 -21.58
N ILE C 114 18.31 -20.80 -22.17
CA ILE C 114 19.51 -21.54 -21.80
C ILE C 114 20.80 -20.72 -21.97
N ASN C 115 20.99 -20.11 -23.13
CA ASN C 115 22.15 -19.27 -23.39
C ASN C 115 22.25 -18.09 -22.42
N ALA C 116 21.11 -17.63 -21.90
CA ALA C 116 21.12 -16.51 -20.97
C ALA C 116 21.29 -16.97 -19.53
N GLY C 117 21.61 -18.25 -19.35
CA GLY C 117 22.00 -18.75 -18.06
C GLY C 117 20.97 -19.56 -17.30
N VAL C 118 19.83 -19.86 -17.91
CA VAL C 118 18.83 -20.71 -17.25
C VAL C 118 19.15 -22.19 -17.47
N LYS C 119 19.13 -22.95 -16.39
CA LYS C 119 19.36 -24.39 -16.46
C LYS C 119 18.24 -25.12 -17.25
N ALA C 120 18.63 -25.94 -18.23
CA ALA C 120 17.67 -26.54 -19.14
C ALA C 120 16.63 -27.32 -18.38
N GLU C 121 17.09 -28.04 -17.38
CA GLU C 121 16.25 -28.85 -16.48
C GLU C 121 15.13 -28.02 -15.86
N ASP C 122 15.50 -26.83 -15.39
CA ASP C 122 14.54 -25.94 -14.76
C ASP C 122 13.53 -25.39 -15.76
N TYR C 123 14.00 -24.94 -16.93
CA TYR C 123 13.10 -24.49 -17.97
C TYR C 123 12.12 -25.60 -18.37
N ASP C 124 12.64 -26.79 -18.65
CA ASP C 124 11.79 -27.86 -19.14
C ASP C 124 10.77 -28.31 -18.09
N ALA C 125 11.13 -28.22 -16.82
CA ALA C 125 10.19 -28.60 -15.79
C ALA C 125 9.11 -27.55 -15.66
N ALA C 126 9.51 -26.29 -15.63
CA ALA C 126 8.55 -25.23 -15.35
C ALA C 126 7.52 -25.09 -16.46
N ILE C 127 7.92 -25.34 -17.71
CA ILE C 127 7.02 -25.03 -18.81
C ILE C 127 5.77 -25.88 -18.79
N ASN C 128 5.80 -27.04 -18.12
CA ASN C 128 4.62 -27.88 -18.03
C ASN C 128 3.96 -27.85 -16.64
N SER C 129 4.41 -26.96 -15.76
CA SER C 129 3.97 -26.92 -14.37
C SER C 129 2.58 -26.29 -14.21
N PHE C 130 1.83 -26.71 -13.20
CA PHE C 130 0.61 -25.97 -12.83
C PHE C 130 0.84 -24.48 -12.63
N VAL C 131 1.96 -24.11 -12.03
CA VAL C 131 2.13 -22.71 -11.70
C VAL C 131 2.24 -21.94 -13.03
N VAL C 132 2.90 -22.52 -14.03
CA VAL C 132 3.00 -21.86 -15.34
C VAL C 132 1.69 -21.90 -16.14
N ASN C 133 0.96 -23.01 -16.05
CA ASN C 133 -0.35 -23.14 -16.67
C ASN C 133 -1.22 -22.01 -16.16
N SER C 134 -1.13 -21.71 -14.87
CA SER C 134 -2.00 -20.70 -14.28
C SER C 134 -1.53 -19.28 -14.65
N LEU C 135 -0.22 -19.05 -14.71
CA LEU C 135 0.30 -17.77 -15.20
C LEU C 135 -0.12 -17.49 -16.64
N VAL C 136 -0.17 -18.52 -17.45
CA VAL C 136 -0.62 -18.34 -18.82
C VAL C 136 -2.09 -17.90 -18.88
N SER C 137 -2.96 -18.60 -18.18
CA SER C 137 -4.39 -18.23 -18.25
C SER C 137 -4.56 -16.86 -17.56
N GLN C 138 -3.77 -16.59 -16.54
CA GLN C 138 -3.86 -15.30 -15.84
C GLN C 138 -3.54 -14.14 -16.78
N GLN C 139 -2.48 -14.29 -17.57
CA GLN C 139 -2.14 -13.27 -18.58
C GLN C 139 -3.23 -13.16 -19.64
N GLN C 140 -3.65 -14.29 -20.18
CA GLN C 140 -4.60 -14.29 -21.29
C GLN C 140 -5.94 -13.70 -20.84
N ASN C 141 -6.37 -14.01 -19.63
CA ASN C 141 -7.64 -13.50 -19.13
C ASN C 141 -7.53 -12.03 -18.73
N ALA C 142 -6.34 -11.60 -18.36
CA ALA C 142 -6.14 -10.19 -18.05
C ALA C 142 -6.22 -9.35 -19.34
N VAL C 143 -5.67 -9.88 -20.41
CA VAL C 143 -5.77 -9.21 -21.69
C VAL C 143 -7.25 -9.02 -22.07
N THR C 144 -8.04 -10.08 -21.91
CA THR C 144 -9.48 -10.04 -22.19
C THR C 144 -10.22 -9.08 -21.28
N ASP C 145 -10.03 -9.27 -19.97
CA ASP C 145 -10.72 -8.48 -18.95
C ASP C 145 -10.40 -6.98 -19.03
N PHE C 146 -9.18 -6.63 -19.42
CA PHE C 146 -8.79 -5.22 -19.50
C PHE C 146 -8.95 -4.64 -20.90
N GLN C 147 -9.52 -5.41 -21.82
CA GLN C 147 -9.73 -4.95 -23.19
C GLN C 147 -8.44 -4.40 -23.81
N ILE C 148 -7.36 -5.17 -23.70
CA ILE C 148 -6.08 -4.71 -24.19
C ILE C 148 -5.98 -4.99 -25.70
N ASN C 149 -5.99 -3.91 -26.47
CA ASN C 149 -5.93 -3.91 -27.94
C ASN C 149 -4.57 -3.54 -28.51
N GLY C 150 -3.68 -3.09 -27.64
CA GLY C 150 -2.38 -2.62 -28.09
C GLY C 150 -1.40 -2.52 -26.93
N VAL C 151 -0.12 -2.53 -27.26
CA VAL C 151 0.95 -2.50 -26.25
C VAL C 151 2.01 -1.53 -26.73
N PRO C 152 2.82 -1.00 -25.80
CA PRO C 152 2.68 -1.27 -24.36
C PRO C 152 1.42 -0.63 -23.82
N ALA C 153 0.90 -1.17 -22.71
CA ALA C 153 -0.26 -0.60 -22.10
C ALA C 153 -0.13 -0.76 -20.60
N MET C 154 -0.42 0.30 -19.84
CA MET C 154 -0.35 0.19 -18.38
C MET C 154 -1.70 0.50 -17.78
N VAL C 155 -2.23 -0.42 -16.98
CA VAL C 155 -3.50 -0.20 -16.33
C VAL C 155 -3.30 -0.01 -14.81
N ILE C 156 -3.94 1.02 -14.26
CA ILE C 156 -3.73 1.41 -12.88
C ILE C 156 -4.99 1.16 -12.06
N ASP C 157 -4.82 0.55 -10.90
CA ASP C 157 -5.92 0.30 -9.96
C ASP C 157 -7.09 -0.43 -10.60
N GLY C 158 -6.83 -1.25 -11.60
CA GLY C 158 -7.89 -1.94 -12.27
C GLY C 158 -8.90 -1.02 -12.94
N LYS C 159 -8.58 0.26 -13.07
CA LYS C 159 -9.60 1.24 -13.46
C LYS C 159 -9.23 2.18 -14.63
N TYR C 160 -7.93 2.39 -14.82
CA TYR C 160 -7.45 3.45 -15.71
C TYR C 160 -6.36 2.91 -16.63
N LYS C 161 -6.40 3.30 -17.89
CA LYS C 161 -5.40 2.86 -18.84
C LYS C 161 -4.67 4.09 -19.28
N MET C 162 -3.35 4.08 -19.12
CA MET C 162 -2.52 5.20 -19.53
C MET C 162 -2.68 5.45 -21.04
N LYS C 163 -2.57 6.72 -21.44
CA LYS C 163 -2.46 7.08 -22.87
C LYS C 163 -1.01 7.42 -23.20
N ASN C 164 -0.36 6.56 -23.95
CA ASN C 164 1.03 6.78 -24.30
C ASN C 164 1.21 8.03 -25.12
N ASP C 165 0.15 8.43 -25.81
CA ASP C 165 0.24 9.64 -26.64
C ASP C 165 -0.28 10.89 -25.91
N GLY C 166 -0.58 10.77 -24.62
CA GLY C 166 -1.23 11.85 -23.87
C GLY C 166 -0.36 12.47 -22.79
N ILE C 167 0.94 12.29 -22.91
CA ILE C 167 1.88 12.78 -21.93
C ILE C 167 2.42 14.15 -22.37
N SER C 168 2.54 15.07 -21.42
CA SER C 168 3.20 16.34 -21.71
C SER C 168 4.69 16.19 -21.43
N ALA C 169 5.50 16.13 -22.48
CA ALA C 169 6.93 15.89 -22.35
C ALA C 169 7.69 16.35 -23.61
N LYS C 170 8.90 16.84 -23.41
CA LYS C 170 9.72 17.37 -24.49
C LYS C 170 10.91 16.47 -24.78
N SER C 171 11.15 15.49 -23.91
CA SER C 171 12.30 14.60 -24.06
C SER C 171 11.97 13.24 -23.45
N PRO C 172 12.74 12.20 -23.79
CA PRO C 172 12.46 10.88 -23.20
C PRO C 172 12.55 10.90 -21.68
N GLU C 173 13.55 11.62 -21.19
CA GLU C 173 13.79 11.73 -19.76
C GLU C 173 12.60 12.41 -19.07
N GLU C 174 12.04 13.44 -19.71
CA GLU C 174 10.85 14.08 -19.16
C GLU C 174 9.63 13.20 -19.30
N TYR C 175 9.58 12.44 -20.39
CA TYR C 175 8.43 11.59 -20.65
C TYR C 175 8.28 10.56 -19.53
N ALA C 176 9.40 9.92 -19.19
CA ALA C 176 9.40 8.91 -18.16
C ALA C 176 8.95 9.46 -16.80
N LYS C 177 9.46 10.62 -16.40
CA LYS C 177 9.02 11.18 -15.12
C LYS C 177 7.55 11.62 -15.18
N ALA C 178 7.13 12.27 -16.27
CA ALA C 178 5.73 12.73 -16.34
C ALA C 178 4.75 11.56 -16.36
N TYR C 179 5.17 10.44 -16.97
CA TYR C 179 4.36 9.22 -17.00
C TYR C 179 4.18 8.64 -15.59
N SER C 180 5.30 8.48 -14.91
CA SER C 180 5.32 8.05 -13.52
C SER C 180 4.46 8.98 -12.65
N ASP C 181 4.55 10.28 -12.89
CA ASP C 181 3.76 11.24 -12.14
C ASP C 181 2.26 11.02 -12.30
N VAL C 182 1.83 10.66 -13.52
CA VAL C 182 0.44 10.39 -13.78
C VAL C 182 0.00 9.13 -13.05
N VAL C 183 0.78 8.06 -13.17
CA VAL C 183 0.50 6.81 -12.45
C VAL C 183 0.33 7.08 -10.93
N ASN C 184 1.28 7.80 -10.34
CA ASN C 184 1.21 8.10 -8.90
C ASN C 184 -0.04 8.88 -8.55
N GLN C 185 -0.41 9.83 -9.41
CA GLN C 185 -1.65 10.57 -9.18
C GLN C 185 -2.84 9.63 -9.21
N LEU C 186 -2.88 8.75 -10.21
CA LEU C 186 -3.93 7.76 -10.30
C LEU C 186 -3.94 6.81 -9.10
N LEU C 187 -2.84 6.76 -8.34
CA LEU C 187 -2.77 5.93 -7.13
C LEU C 187 -3.00 6.70 -5.81
N MET C 188 -3.43 7.97 -5.89
CA MET C 188 -3.79 8.72 -4.66
C MET C 188 -5.20 8.33 -4.23
N LYS C 189 -5.45 8.34 -2.91
CA LYS C 189 -6.79 8.04 -2.40
C LYS C 189 -7.83 8.89 -3.17
N LYS C 190 -8.94 8.24 -3.53
CA LYS C 190 -9.98 8.85 -4.35
C LYS C 190 -11.20 9.12 -3.48
N ASP D 4 13.73 -21.59 16.49
CA ASP D 4 13.91 -20.61 17.56
C ASP D 4 15.10 -19.70 17.27
N ILE D 5 14.82 -18.47 16.85
CA ILE D 5 15.88 -17.51 16.54
C ILE D 5 16.49 -16.95 17.83
N SER D 6 17.82 -16.89 17.87
CA SER D 6 18.55 -16.65 19.10
C SER D 6 19.90 -15.93 18.93
N GLU D 7 20.08 -14.83 19.66
CA GLU D 7 21.32 -14.06 19.61
C GLU D 7 22.55 -14.95 19.80
N GLY D 8 23.55 -14.77 18.95
CA GLY D 8 24.79 -15.56 19.01
C GLY D 8 24.68 -16.94 18.38
N LYS D 9 23.47 -17.31 17.94
CA LYS D 9 23.29 -18.61 17.31
C LYS D 9 23.25 -18.50 15.79
N GLN D 10 22.18 -17.90 15.27
CA GLN D 10 22.01 -17.69 13.84
C GLN D 10 22.58 -16.37 13.38
N TYR D 11 22.98 -15.55 14.34
CA TYR D 11 23.45 -14.20 14.03
C TYR D 11 24.22 -13.62 15.20
N THR D 12 24.91 -12.50 14.94
CA THR D 12 25.64 -11.77 15.96
C THR D 12 25.47 -10.25 15.78
N ASN D 13 25.66 -9.52 16.87
CA ASN D 13 25.63 -8.06 16.85
C ASN D 13 26.97 -7.56 16.33
N LEU D 14 26.92 -6.53 15.50
CA LEU D 14 28.14 -5.82 15.15
C LEU D 14 28.47 -4.93 16.33
N SER D 15 29.74 -4.85 16.69
CA SER D 15 30.18 -4.02 17.79
C SER D 15 29.76 -2.59 17.50
N LYS D 16 30.04 -2.14 16.27
CA LYS D 16 29.65 -0.80 15.85
C LYS D 16 28.65 -0.82 14.68
N PRO D 17 27.41 -0.41 14.95
CA PRO D 17 26.40 -0.26 13.90
C PRO D 17 26.90 0.62 12.80
N VAL D 18 26.51 0.31 11.56
CA VAL D 18 26.85 1.14 10.42
C VAL D 18 25.69 2.06 10.17
N ALA D 19 25.97 3.36 10.21
CA ALA D 19 24.94 4.37 10.01
C ALA D 19 24.52 4.48 8.53
N GLY D 20 23.21 4.59 8.33
CA GLY D 20 22.66 4.83 7.01
C GLY D 20 22.65 3.61 6.11
N ALA D 21 22.88 2.42 6.66
CA ALA D 21 22.98 1.23 5.83
C ALA D 21 21.62 0.82 5.23
N PRO D 22 21.65 0.11 4.09
CA PRO D 22 20.45 -0.53 3.57
C PRO D 22 19.95 -1.57 4.59
N GLN D 23 18.68 -1.95 4.51
CA GLN D 23 18.18 -2.90 5.49
C GLN D 23 18.88 -4.24 5.31
N VAL D 24 19.14 -4.63 4.06
CA VAL D 24 19.92 -5.85 3.83
C VAL D 24 21.14 -5.57 2.98
N VAL D 25 22.30 -5.97 3.47
CA VAL D 25 23.53 -5.88 2.67
C VAL D 25 24.14 -7.27 2.59
N GLU D 26 24.27 -7.75 1.36
CA GLU D 26 24.82 -9.07 1.05
C GLU D 26 26.25 -8.89 0.56
N PHE D 27 27.17 -9.74 0.98
CA PHE D 27 28.56 -9.71 0.46
C PHE D 27 28.87 -11.07 -0.15
N PHE D 28 29.51 -11.09 -1.33
CA PHE D 28 29.84 -12.36 -1.96
C PHE D 28 31.11 -12.23 -2.78
N SER D 29 31.57 -13.39 -3.28
CA SER D 29 32.64 -13.48 -4.29
C SER D 29 32.26 -14.49 -5.36
N PHE D 30 32.49 -14.15 -6.64
CA PHE D 30 32.29 -15.11 -7.74
C PHE D 30 33.23 -16.30 -7.60
N TYR D 31 34.29 -16.17 -6.81
CA TYR D 31 35.20 -17.28 -6.55
C TYR D 31 34.74 -18.23 -5.44
N SER D 32 33.70 -17.86 -4.72
CA SER D 32 33.34 -18.61 -3.49
C SER D 32 32.34 -19.74 -3.76
N PRO D 33 32.74 -21.01 -3.58
CA PRO D 33 31.77 -22.09 -3.79
C PRO D 33 30.47 -21.91 -2.97
N HIS D 34 30.57 -21.52 -1.71
CA HIS D 34 29.34 -21.33 -0.91
C HIS D 34 28.48 -20.18 -1.46
N CYS D 35 29.11 -19.13 -1.99
CA CYS D 35 28.32 -18.09 -2.65
C CYS D 35 27.62 -18.66 -3.88
N TYR D 36 28.36 -19.45 -4.67
CA TYR D 36 27.78 -20.08 -5.84
C TYR D 36 26.53 -20.88 -5.45
N GLN D 37 26.63 -21.60 -4.34
CA GLN D 37 25.48 -22.36 -3.89
C GLN D 37 24.33 -21.50 -3.36
N PHE D 38 24.63 -20.42 -2.65
CA PHE D 38 23.57 -19.50 -2.18
C PHE D 38 22.80 -18.92 -3.35
N SER D 39 23.54 -18.56 -4.39
CA SER D 39 22.99 -17.85 -5.54
C SER D 39 22.34 -18.74 -6.60
N GLU D 40 23.05 -19.79 -6.99
CA GLU D 40 22.75 -20.53 -8.22
C GLU D 40 22.21 -21.94 -7.99
N VAL D 41 22.56 -22.54 -6.86
CA VAL D 41 22.21 -23.96 -6.61
C VAL D 41 21.04 -24.13 -5.66
N TYR D 42 21.11 -23.56 -4.46
CA TYR D 42 20.13 -23.85 -3.41
C TYR D 42 19.16 -22.72 -2.99
N LYS D 43 19.11 -21.65 -3.76
CA LYS D 43 18.03 -20.67 -3.64
C LYS D 43 18.01 -19.89 -2.32
N VAL D 44 19.16 -19.68 -1.69
CA VAL D 44 19.16 -18.94 -0.45
C VAL D 44 18.89 -17.45 -0.65
N ASN D 45 19.60 -16.84 -1.57
CA ASN D 45 19.40 -15.41 -1.84
C ASN D 45 17.98 -15.18 -2.36
N SER D 46 17.49 -16.03 -3.27
CA SER D 46 16.16 -15.80 -3.84
C SER D 46 15.06 -15.99 -2.78
N THR D 47 15.20 -17.01 -1.94
CA THR D 47 14.27 -17.24 -0.84
C THR D 47 14.24 -16.06 0.15
N VAL D 48 15.40 -15.54 0.50
CA VAL D 48 15.40 -14.35 1.34
C VAL D 48 14.64 -13.23 0.60
N GLU D 49 15.08 -12.97 -0.63
CA GLU D 49 14.56 -11.85 -1.42
C GLU D 49 13.05 -11.97 -1.68
N LYS D 50 12.56 -13.17 -1.87
CA LYS D 50 11.13 -13.38 -2.09
C LYS D 50 10.30 -13.15 -0.81
N ASN D 51 10.92 -13.26 0.36
CA ASN D 51 10.12 -13.30 1.58
C ASN D 51 10.34 -12.14 2.54
N VAL D 52 11.27 -11.25 2.22
CA VAL D 52 11.38 -10.03 3.02
C VAL D 52 10.11 -9.19 2.77
N PRO D 53 9.78 -8.29 3.70
CA PRO D 53 8.65 -7.39 3.40
C PRO D 53 8.89 -6.58 2.13
N GLU D 54 7.79 -6.28 1.44
CA GLU D 54 7.83 -5.49 0.25
C GLU D 54 8.56 -4.19 0.56
N ASN D 55 9.31 -3.68 -0.40
CA ASN D 55 10.04 -2.42 -0.21
C ASN D 55 11.19 -2.48 0.80
N THR D 56 11.64 -3.69 1.11
CA THR D 56 12.91 -3.85 1.82
C THR D 56 14.03 -3.43 0.87
N LYS D 57 14.90 -2.55 1.33
CA LYS D 57 16.03 -2.09 0.52
C LYS D 57 17.24 -3.01 0.68
N MET D 58 17.77 -3.50 -0.45
CA MET D 58 18.89 -4.44 -0.40
C MET D 58 20.05 -3.97 -1.29
N ALA D 59 21.27 -4.24 -0.83
CA ALA D 59 22.45 -3.98 -1.67
C ALA D 59 23.28 -5.27 -1.68
N ARG D 60 24.01 -5.48 -2.76
CA ARG D 60 24.84 -6.67 -2.92
C ARG D 60 26.22 -6.22 -3.37
N TYR D 61 27.24 -6.55 -2.57
CA TYR D 61 28.60 -6.14 -2.85
C TYR D 61 29.54 -7.34 -3.01
N HIS D 62 30.56 -7.16 -3.85
CA HIS D 62 31.55 -8.19 -4.09
C HIS D 62 32.82 -7.86 -3.27
N VAL D 63 33.56 -8.90 -2.87
CA VAL D 63 34.80 -8.72 -2.10
C VAL D 63 36.06 -9.05 -2.92
N ASP D 64 37.19 -8.54 -2.45
CA ASP D 64 38.48 -8.61 -3.15
C ASP D 64 39.30 -9.81 -2.74
N PHE D 65 39.00 -10.41 -1.59
CA PHE D 65 39.96 -11.30 -0.93
C PHE D 65 39.95 -12.77 -1.33
N LEU D 66 39.17 -13.12 -2.36
CA LEU D 66 39.28 -14.42 -2.97
C LEU D 66 39.61 -14.32 -4.45
N GLY D 67 40.54 -15.18 -4.88
CA GLY D 67 40.78 -15.48 -6.27
C GLY D 67 41.81 -14.56 -6.90
N PRO D 68 42.45 -15.03 -7.98
CA PRO D 68 43.51 -14.24 -8.63
C PRO D 68 43.01 -12.94 -9.26
N LEU D 69 41.73 -12.87 -9.59
CA LEU D 69 41.14 -11.67 -10.21
C LEU D 69 40.11 -11.01 -9.28
N GLY D 70 40.23 -11.26 -7.97
CA GLY D 70 39.27 -10.74 -7.02
C GLY D 70 38.99 -9.25 -7.14
N LYS D 71 40.06 -8.47 -7.14
CA LYS D 71 39.94 -7.03 -7.17
C LYS D 71 39.25 -6.54 -8.46
N GLU D 72 39.71 -7.06 -9.58
CA GLU D 72 39.13 -6.75 -10.91
C GLU D 72 37.65 -7.15 -11.03
N MET D 73 37.31 -8.29 -10.43
CA MET D 73 35.92 -8.72 -10.39
C MET D 73 35.05 -7.80 -9.53
N THR D 74 35.59 -7.25 -8.46
CA THR D 74 34.85 -6.28 -7.68
C THR D 74 34.49 -5.05 -8.55
N ARG D 75 35.43 -4.62 -9.37
CA ARG D 75 35.19 -3.44 -10.21
C ARG D 75 34.18 -3.79 -11.30
N ALA D 76 34.28 -5.00 -11.85
CA ALA D 76 33.29 -5.46 -12.81
C ALA D 76 31.89 -5.58 -12.22
N TRP D 77 31.80 -6.01 -10.97
CA TRP D 77 30.51 -6.06 -10.31
C TRP D 77 29.90 -4.65 -10.15
N ALA D 78 30.77 -3.68 -9.90
CA ALA D 78 30.34 -2.28 -9.85
C ALA D 78 29.79 -1.85 -11.19
N VAL D 79 30.41 -2.33 -12.25
CA VAL D 79 29.90 -2.07 -13.59
C VAL D 79 28.52 -2.69 -13.79
N ALA D 80 28.35 -3.94 -13.34
CA ALA D 80 27.07 -4.59 -13.39
C ALA D 80 25.99 -3.84 -12.63
N ILE D 81 26.31 -3.36 -11.44
CA ILE D 81 25.38 -2.56 -10.67
C ILE D 81 25.01 -1.29 -11.45
N ALA D 82 26.04 -0.58 -11.91
CA ALA D 82 25.88 0.70 -12.60
C ALA D 82 25.02 0.58 -13.86
N LEU D 83 25.17 -0.50 -14.62
CA LEU D 83 24.38 -0.70 -15.84
C LEU D 83 23.05 -1.41 -15.62
N GLY D 84 22.79 -1.81 -14.39
CA GLY D 84 21.59 -2.59 -14.09
C GLY D 84 21.56 -3.96 -14.75
N VAL D 85 22.69 -4.67 -14.84
CA VAL D 85 22.75 -5.99 -15.48
C VAL D 85 23.19 -7.13 -14.52
N GLU D 86 23.02 -6.94 -13.22
CA GLU D 86 23.42 -7.94 -12.24
C GLU D 86 22.87 -9.34 -12.56
N ASP D 87 21.56 -9.46 -12.74
CA ASP D 87 20.96 -10.76 -12.98
C ASP D 87 21.39 -11.34 -14.35
N GLN D 88 21.64 -10.44 -15.29
CA GLN D 88 22.02 -10.81 -16.65
C GLN D 88 23.41 -11.43 -16.73
N VAL D 89 24.36 -10.91 -15.95
CA VAL D 89 25.74 -11.34 -16.07
C VAL D 89 26.17 -12.37 -15.03
N SER D 90 25.47 -12.46 -13.92
CA SER D 90 25.93 -13.29 -12.81
C SER D 90 26.07 -14.78 -13.15
N PRO D 91 25.07 -15.36 -13.85
CA PRO D 91 25.22 -16.77 -14.22
C PRO D 91 26.50 -17.03 -14.99
N ALA D 92 26.71 -16.25 -16.04
CA ALA D 92 27.90 -16.38 -16.87
C ALA D 92 29.19 -16.23 -16.06
N LEU D 93 29.18 -15.28 -15.12
CA LEU D 93 30.42 -15.02 -14.33
C LEU D 93 30.73 -16.16 -13.34
N PHE D 94 29.71 -16.62 -12.64
CA PHE D 94 29.86 -17.75 -11.73
C PHE D 94 30.34 -18.98 -12.51
N LYS D 95 29.74 -19.25 -13.67
CA LYS D 95 30.11 -20.40 -14.48
C LYS D 95 31.55 -20.31 -14.97
N GLY D 96 31.93 -19.14 -15.46
CA GLY D 96 33.26 -18.92 -16.00
C GLY D 96 34.34 -18.94 -14.92
N ILE D 97 34.04 -18.37 -13.74
CA ILE D 97 35.07 -18.27 -12.72
C ILE D 97 35.25 -19.62 -12.04
N GLN D 98 34.14 -20.33 -11.83
CA GLN D 98 34.13 -21.49 -10.93
C GLN D 98 33.92 -22.83 -11.60
N GLU D 99 32.85 -22.93 -12.38
CA GLU D 99 32.48 -24.19 -13.01
C GLU D 99 33.44 -24.60 -14.12
N THR D 100 33.68 -23.73 -15.09
CA THR D 100 34.58 -24.08 -16.19
C THR D 100 36.01 -23.53 -16.06
N GLN D 101 36.24 -22.65 -15.09
CA GLN D 101 37.49 -21.90 -14.92
C GLN D 101 38.03 -21.35 -16.25
N SER D 102 37.12 -20.78 -17.03
CA SER D 102 37.47 -20.22 -18.31
C SER D 102 37.67 -18.69 -18.26
N ILE D 103 37.36 -18.07 -17.13
CA ILE D 103 37.66 -16.66 -16.92
C ILE D 103 38.96 -16.57 -16.10
N ARG D 104 40.07 -16.27 -16.78
CA ARG D 104 41.39 -16.33 -16.18
C ARG D 104 42.24 -15.05 -16.37
N SER D 105 41.75 -14.11 -17.17
CA SER D 105 42.44 -12.84 -17.42
C SER D 105 41.43 -11.71 -17.35
N VAL D 106 41.89 -10.47 -17.16
CA VAL D 106 40.95 -9.34 -17.08
C VAL D 106 40.11 -9.21 -18.33
N ASP D 107 40.72 -9.52 -19.48
CA ASP D 107 40.01 -9.36 -20.73
C ASP D 107 38.93 -10.42 -20.86
N ASP D 108 39.03 -11.49 -20.07
CA ASP D 108 38.01 -12.53 -20.10
C ASP D 108 36.74 -11.99 -19.46
N ILE D 109 36.90 -11.10 -18.50
CA ILE D 109 35.74 -10.58 -17.76
C ILE D 109 34.88 -9.71 -18.71
N ARG D 110 35.51 -8.69 -19.29
CA ARG D 110 34.90 -7.84 -20.32
C ARG D 110 34.25 -8.67 -21.42
N THR D 111 34.98 -9.66 -21.96
CA THR D 111 34.39 -10.54 -22.98
C THR D 111 33.16 -11.28 -22.49
N THR D 112 33.18 -11.68 -21.22
CA THR D 112 32.02 -12.34 -20.67
C THR D 112 30.80 -11.41 -20.65
N PHE D 113 30.98 -10.15 -20.21
CA PHE D 113 29.85 -9.20 -20.19
C PHE D 113 29.28 -9.02 -21.59
N ILE D 114 30.16 -8.76 -22.56
CA ILE D 114 29.75 -8.63 -23.95
C ILE D 114 28.97 -9.84 -24.45
N ASN D 115 29.51 -11.05 -24.23
CA ASN D 115 28.86 -12.26 -24.70
C ASN D 115 27.49 -12.45 -24.07
N ALA D 116 27.31 -11.90 -22.87
CA ALA D 116 26.02 -11.97 -22.19
C ALA D 116 25.04 -10.90 -22.63
N GLY D 117 25.45 -10.04 -23.57
CA GLY D 117 24.53 -9.12 -24.18
C GLY D 117 24.79 -7.68 -23.83
N VAL D 118 25.81 -7.40 -23.01
CA VAL D 118 26.14 -6.02 -22.67
C VAL D 118 26.98 -5.39 -23.79
N LYS D 119 26.61 -4.19 -24.19
CA LYS D 119 27.35 -3.55 -25.27
C LYS D 119 28.74 -3.15 -24.81
N ALA D 120 29.75 -3.46 -25.62
CA ALA D 120 31.12 -3.04 -25.34
C ALA D 120 31.24 -1.56 -24.99
N GLU D 121 30.56 -0.72 -25.76
CA GLU D 121 30.61 0.72 -25.57
C GLU D 121 30.15 1.08 -24.14
N ASP D 122 29.13 0.38 -23.64
CA ASP D 122 28.57 0.67 -22.33
C ASP D 122 29.51 0.24 -21.19
N TYR D 123 30.10 -0.95 -21.35
CA TYR D 123 31.04 -1.49 -20.39
C TYR D 123 32.28 -0.61 -20.26
N ASP D 124 32.80 -0.20 -21.41
CA ASP D 124 34.02 0.60 -21.46
C ASP D 124 33.82 2.00 -20.88
N ALA D 125 32.65 2.57 -21.05
CA ALA D 125 32.38 3.86 -20.44
C ALA D 125 32.21 3.74 -18.94
N ALA D 126 31.53 2.68 -18.50
CA ALA D 126 31.08 2.59 -17.14
C ALA D 126 32.27 2.44 -16.23
N ILE D 127 33.26 1.73 -16.71
CA ILE D 127 34.27 1.21 -15.81
C ILE D 127 35.10 2.33 -15.16
N ASN D 128 35.03 3.55 -15.70
CA ASN D 128 35.74 4.69 -15.13
C ASN D 128 34.86 5.88 -14.76
N SER D 129 33.56 5.65 -14.68
CA SER D 129 32.65 6.71 -14.29
C SER D 129 32.76 6.98 -12.79
N PHE D 130 32.33 8.15 -12.36
CA PHE D 130 32.27 8.43 -10.94
C PHE D 130 31.45 7.36 -10.25
N VAL D 131 30.38 6.94 -10.91
CA VAL D 131 29.46 6.00 -10.29
C VAL D 131 30.20 4.71 -9.92
N VAL D 132 31.01 4.19 -10.85
CA VAL D 132 31.71 2.93 -10.63
C VAL D 132 32.87 3.14 -9.66
N ASN D 133 33.53 4.29 -9.78
CA ASN D 133 34.59 4.61 -8.85
C ASN D 133 34.01 4.63 -7.47
N SER D 134 32.86 5.30 -7.31
CA SER D 134 32.25 5.42 -6.00
C SER D 134 31.73 4.08 -5.50
N LEU D 135 31.26 3.22 -6.41
CA LEU D 135 30.78 1.88 -6.01
C LEU D 135 31.93 1.00 -5.47
N VAL D 136 33.09 1.08 -6.10
CA VAL D 136 34.27 0.36 -5.63
C VAL D 136 34.67 0.84 -4.21
N SER D 137 34.65 2.16 -3.98
CA SER D 137 34.93 2.68 -2.64
C SER D 137 33.87 2.25 -1.67
N GLN D 138 32.62 2.37 -2.10
CA GLN D 138 31.50 2.02 -1.24
C GLN D 138 31.59 0.56 -0.82
N GLN D 139 32.06 -0.29 -1.73
CA GLN D 139 32.07 -1.72 -1.46
C GLN D 139 33.16 -2.00 -0.42
N GLN D 140 34.29 -1.34 -0.62
CA GLN D 140 35.43 -1.42 0.29
C GLN D 140 35.11 -0.89 1.68
N ASN D 141 34.44 0.26 1.76
CA ASN D 141 34.07 0.83 3.05
C ASN D 141 33.11 -0.07 3.79
N ALA D 142 32.21 -0.71 3.03
CA ALA D 142 31.24 -1.61 3.63
C ALA D 142 31.94 -2.85 4.17
N VAL D 143 32.90 -3.39 3.42
CA VAL D 143 33.68 -4.53 3.89
C VAL D 143 34.33 -4.17 5.24
N THR D 144 34.93 -2.99 5.31
CA THR D 144 35.64 -2.55 6.51
C THR D 144 34.70 -2.29 7.68
N ASP D 145 33.64 -1.54 7.42
CA ASP D 145 32.75 -1.09 8.47
C ASP D 145 31.84 -2.22 8.98
N PHE D 146 31.56 -3.20 8.12
CA PHE D 146 30.76 -4.37 8.51
C PHE D 146 31.68 -5.51 8.96
N GLN D 147 32.99 -5.25 8.92
CA GLN D 147 34.00 -6.24 9.31
C GLN D 147 33.79 -7.59 8.63
N ILE D 148 33.70 -7.54 7.31
CA ILE D 148 33.50 -8.71 6.51
C ILE D 148 34.83 -9.43 6.31
N ASN D 149 34.92 -10.65 6.82
CA ASN D 149 36.13 -11.43 6.65
C ASN D 149 35.85 -12.78 6.03
N GLY D 150 34.60 -12.99 5.64
CA GLY D 150 34.20 -14.21 4.97
C GLY D 150 32.95 -13.95 4.15
N VAL D 151 32.74 -14.78 3.13
CA VAL D 151 31.54 -14.72 2.30
C VAL D 151 31.01 -16.13 2.14
N PRO D 152 29.69 -16.28 1.90
CA PRO D 152 28.72 -15.21 1.88
C PRO D 152 28.51 -14.60 3.26
N ALA D 153 28.18 -13.33 3.26
CA ALA D 153 27.84 -12.64 4.50
C ALA D 153 26.63 -11.77 4.27
N MET D 154 25.79 -11.67 5.26
CA MET D 154 24.65 -10.76 5.18
C MET D 154 24.49 -10.00 6.47
N VAL D 155 24.30 -8.69 6.34
CA VAL D 155 24.08 -7.83 7.50
C VAL D 155 22.76 -7.08 7.41
N ILE D 156 22.03 -7.07 8.52
CA ILE D 156 20.68 -6.52 8.54
C ILE D 156 20.65 -5.24 9.36
N ASP D 157 20.15 -4.17 8.76
CA ASP D 157 20.01 -2.86 9.38
C ASP D 157 21.31 -2.35 10.00
N GLY D 158 22.42 -2.59 9.30
CA GLY D 158 23.72 -2.20 9.80
C GLY D 158 24.10 -2.70 11.17
N LYS D 159 23.33 -3.64 11.72
CA LYS D 159 23.49 -4.02 13.13
C LYS D 159 23.75 -5.53 13.36
N TYR D 160 23.16 -6.39 12.54
CA TYR D 160 23.14 -7.83 12.81
C TYR D 160 23.71 -8.65 11.65
N LYS D 161 24.68 -9.50 11.95
CA LYS D 161 25.33 -10.32 10.95
C LYS D 161 24.94 -11.79 11.05
N MET D 162 24.42 -12.33 9.95
CA MET D 162 24.02 -13.72 9.87
C MET D 162 25.24 -14.59 10.14
N LYS D 163 24.99 -15.78 10.65
CA LYS D 163 26.03 -16.74 10.96
C LYS D 163 25.70 -18.04 10.30
N ASN D 164 26.38 -18.33 9.18
CA ASN D 164 25.98 -19.39 8.24
C ASN D 164 26.00 -20.78 8.83
N ASP D 165 26.90 -20.98 9.79
CA ASP D 165 27.09 -22.27 10.40
C ASP D 165 26.19 -22.49 11.63
N GLY D 166 25.32 -21.52 11.90
CA GLY D 166 24.43 -21.61 13.03
C GLY D 166 22.97 -21.91 12.68
N ILE D 167 22.71 -22.36 11.46
CA ILE D 167 21.33 -22.60 11.03
C ILE D 167 20.80 -24.01 11.35
N SER D 168 21.69 -24.98 11.49
CA SER D 168 21.34 -26.38 11.84
C SER D 168 20.17 -27.05 11.10
N ALA D 169 20.06 -26.84 9.79
CA ALA D 169 18.98 -27.44 8.99
C ALA D 169 19.30 -28.86 8.45
N LYS D 170 18.25 -29.54 7.99
CA LYS D 170 18.37 -30.92 7.53
C LYS D 170 18.55 -31.00 6.03
N SER D 171 18.23 -29.91 5.32
CA SER D 171 18.30 -29.90 3.88
C SER D 171 18.48 -28.47 3.39
N PRO D 172 18.98 -28.30 2.16
CA PRO D 172 19.12 -26.95 1.61
C PRO D 172 17.80 -26.18 1.58
N GLU D 173 16.72 -26.86 1.30
CA GLU D 173 15.42 -26.22 1.32
C GLU D 173 15.09 -25.74 2.74
N GLU D 174 15.35 -26.57 3.75
CA GLU D 174 15.09 -26.15 5.14
C GLU D 174 16.04 -25.00 5.52
N TYR D 175 17.25 -25.04 4.97
CA TYR D 175 18.24 -24.04 5.28
C TYR D 175 17.80 -22.69 4.72
N ALA D 176 17.42 -22.65 3.45
CA ALA D 176 17.03 -21.38 2.86
C ALA D 176 15.83 -20.80 3.63
N LYS D 177 14.86 -21.64 3.96
CA LYS D 177 13.71 -21.13 4.70
C LYS D 177 14.09 -20.59 6.07
N ALA D 178 14.99 -21.28 6.77
CA ALA D 178 15.40 -20.83 8.11
C ALA D 178 16.24 -19.54 8.03
N TYR D 179 17.08 -19.46 7.00
CA TYR D 179 17.94 -18.29 6.82
C TYR D 179 17.04 -17.07 6.62
N SER D 180 16.06 -17.21 5.72
CA SER D 180 15.10 -16.15 5.45
C SER D 180 14.27 -15.81 6.68
N ASP D 181 13.82 -16.83 7.40
CA ASP D 181 13.06 -16.59 8.63
C ASP D 181 13.85 -15.74 9.62
N VAL D 182 15.13 -16.05 9.79
CA VAL D 182 15.98 -15.25 10.67
C VAL D 182 16.10 -13.82 10.17
N VAL D 183 16.37 -13.65 8.88
CA VAL D 183 16.47 -12.30 8.30
C VAL D 183 15.22 -11.45 8.59
N ASN D 184 14.05 -12.04 8.38
CA ASN D 184 12.77 -11.36 8.66
C ASN D 184 12.64 -10.99 10.16
N GLN D 185 12.99 -11.92 11.05
CA GLN D 185 13.04 -11.58 12.47
C GLN D 185 13.98 -10.41 12.75
N LEU D 186 15.17 -10.42 12.15
CA LEU D 186 16.13 -9.34 12.38
C LEU D 186 15.59 -7.99 11.83
N LEU D 187 14.84 -8.04 10.73
CA LEU D 187 14.36 -6.81 10.15
C LEU D 187 13.32 -6.18 11.07
N MET D 188 12.70 -7.00 11.92
CA MET D 188 11.71 -6.50 12.89
C MET D 188 12.33 -6.08 14.21
N LYS D 189 13.64 -6.28 14.36
CA LYS D 189 14.30 -6.10 15.65
C LYS D 189 14.60 -4.63 15.85
N LYS D 190 13.53 -3.90 16.21
CA LYS D 190 13.54 -2.45 16.28
C LYS D 190 13.83 -1.99 17.70
S SCN E . -3.89 25.14 11.39
C SCN E . -3.50 26.55 10.40
N SCN E . -3.18 27.50 9.81
S SCN F . -0.92 16.16 13.64
C SCN F . -2.50 16.56 14.32
N SCN F . -3.54 16.85 14.80
S SCN G . 4.87 2.95 20.21
C SCN G . 5.39 1.25 20.53
N SCN G . 5.68 0.17 20.87
S SCN H . -25.37 5.78 -5.94
C SCN H . -25.75 5.24 -7.60
N SCN H . -25.95 4.86 -8.68
S SCN I . -28.46 -7.86 12.80
C SCN I . -28.89 -9.47 13.35
N SCN I . -29.26 -10.54 13.67
S SCN J . -27.25 -1.45 4.95
C SCN J . -27.61 -0.57 6.44
N SCN J . -27.80 -0.04 7.47
S SCN K . -30.81 22.52 -6.72
C SCN K . -29.66 21.16 -6.69
N SCN K . -28.78 20.35 -6.58
S SCN L . 3.40 -28.87 -9.27
C SCN L . 3.56 -27.17 -9.80
N SCN L . 3.62 -26.08 -10.26
S SCN M . 26.28 0.92 4.42
C SCN M . 26.37 0.87 2.63
N SCN M . 26.31 0.82 1.45
#